data_5L42
#
_entry.id   5L42
#
_cell.length_a   94.699
_cell.length_b   104.190
_cell.length_c   137.042
_cell.angle_alpha   90.00
_cell.angle_beta   90.00
_cell.angle_gamma   90.00
#
_symmetry.space_group_name_H-M   'P 21 21 21'
#
loop_
_entity.id
_entity.type
_entity.pdbx_description
1 polymer 'Pteridine reductase 1'
2 non-polymer (2~{R})-2-[3,4-bis(oxidanyl)phenyl]-6-oxidanyl-2,3-dihydrochromen-4-one
3 non-polymer 'NADPH DIHYDRO-NICOTINAMIDE-ADENINE-DINUCLEOTIDE PHOSPHATE'
4 non-polymer GLYCEROL
5 non-polymer 'ACETATE ION'
6 non-polymer 'TRIETHYLENE GLYCOL'
7 non-polymer 1,2-ETHANEDIOL
8 water water
#
_entity_poly.entity_id   1
_entity_poly.type   'polypeptide(L)'
_entity_poly.pdbx_seq_one_letter_code
;MTAPTVPVALVTGAAKRLGRSIAEGLHAEGYAVCLHYHRSAAEANALSATLNARRPNSAITVQADLSNVATAPVSGADGS
APVTLFTRCAELVAACYTHWGRCDVLVNNASSFYPTPLLRNDEDGHEPCVGDREAMETATADLFGSNAIAPYFLIKAFAH
RVAGTPAKHRGTNYSIINMVDAMTNQPLLGYTIYTMAKGALEGLTRSAALELAPLQIRVNGVGPGLSVLVDDMPPAVWEG
HRSKVPLYQRDSSAAEVSDVVIFLCSSKAKYITGT(CSX)VKVDGGYSLTRA
;
_entity_poly.pdbx_strand_id   A,B,C,D
#
# COMPACT_ATOMS: atom_id res chain seq x y z
N THR A 5 17.27 30.18 -20.49
CA THR A 5 17.61 30.89 -19.20
C THR A 5 16.52 30.73 -18.10
N VAL A 6 15.25 30.98 -18.46
CA VAL A 6 14.09 30.84 -17.53
C VAL A 6 13.63 29.37 -17.61
N PRO A 7 13.41 28.68 -16.45
CA PRO A 7 12.83 27.31 -16.61
C PRO A 7 11.40 27.28 -17.20
N VAL A 8 11.10 26.15 -17.85
CA VAL A 8 9.86 25.89 -18.56
C VAL A 8 8.98 24.74 -18.00
N ALA A 9 7.68 25.04 -17.74
CA ALA A 9 6.76 23.98 -17.32
C ALA A 9 5.67 23.70 -18.33
N LEU A 10 5.46 22.42 -18.63
CA LEU A 10 4.35 22.00 -19.45
C LEU A 10 3.24 21.47 -18.52
N VAL A 11 2.08 22.15 -18.45
CA VAL A 11 0.96 21.70 -17.62
C VAL A 11 -0.21 21.25 -18.51
N THR A 12 -0.66 20.01 -18.41
CA THR A 12 -1.81 19.58 -19.21
C THR A 12 -3.10 19.96 -18.50
N GLY A 13 -4.17 20.23 -19.26
CA GLY A 13 -5.44 20.62 -18.63
C GLY A 13 -5.31 21.84 -17.75
N ALA A 14 -4.47 22.79 -18.22
CA ALA A 14 -4.10 24.00 -17.50
C ALA A 14 -5.18 25.11 -17.39
N ALA A 15 -6.31 24.97 -18.11
CA ALA A 15 -7.16 26.14 -18.28
C ALA A 15 -7.93 26.57 -17.06
N LYS A 16 -8.40 25.62 -16.25
CA LYS A 16 -9.32 25.88 -15.16
C LYS A 16 -8.84 25.18 -13.91
N ARG A 17 -9.54 25.42 -12.81
CA ARG A 17 -9.48 24.53 -11.63
C ARG A 17 -8.02 24.22 -11.19
N LEU A 18 -7.69 22.95 -10.90
CA LEU A 18 -6.34 22.65 -10.34
C LEU A 18 -5.21 22.95 -11.32
N GLY A 19 -5.42 22.68 -12.61
CA GLY A 19 -4.37 22.83 -13.60
C GLY A 19 -4.01 24.33 -13.70
N ARG A 20 -5.04 25.20 -13.64
CA ARG A 20 -4.82 26.67 -13.65
C ARG A 20 -3.98 27.11 -12.42
N SER A 21 -4.36 26.60 -11.26
CA SER A 21 -3.63 26.93 -10.03
C SER A 21 -2.19 26.40 -10.07
N ILE A 22 -1.97 25.22 -10.66
CA ILE A 22 -0.60 24.67 -10.81
C ILE A 22 0.20 25.58 -11.73
N ALA A 23 -0.41 25.95 -12.84
CA ALA A 23 0.24 26.85 -13.78
C ALA A 23 0.60 28.22 -13.14
N GLU A 24 -0.32 28.80 -12.38
CA GLU A 24 -0.05 30.04 -11.68
C GLU A 24 1.00 29.87 -10.64
N GLY A 25 0.99 28.74 -9.95
CA GLY A 25 1.98 28.57 -8.88
C GLY A 25 3.39 28.46 -9.45
N LEU A 26 3.49 27.74 -10.56
CA LEU A 26 4.78 27.54 -11.18
C LEU A 26 5.25 28.89 -11.75
N HIS A 27 4.32 29.58 -12.43
CA HIS A 27 4.59 30.93 -12.93
C HIS A 27 5.10 31.84 -11.78
N ALA A 28 4.47 31.78 -10.59
CA ALA A 28 4.83 32.65 -9.44
C ALA A 28 6.27 32.35 -8.96
N GLU A 29 6.78 31.14 -9.22
CA GLU A 29 8.16 30.77 -8.90
C GLU A 29 9.10 31.15 -10.05
N GLY A 30 8.62 31.72 -11.17
CA GLY A 30 9.55 32.17 -12.20
C GLY A 30 9.54 31.29 -13.40
N TYR A 31 8.74 30.20 -13.38
CA TYR A 31 8.61 29.39 -14.56
C TYR A 31 7.87 30.12 -15.74
N ALA A 32 8.34 29.89 -16.97
CA ALA A 32 7.48 30.10 -18.19
C ALA A 32 6.59 28.87 -18.29
N VAL A 33 5.32 29.07 -18.63
CA VAL A 33 4.37 27.96 -18.63
CA VAL A 33 4.37 27.95 -18.64
C VAL A 33 3.73 27.74 -20.01
N CYS A 34 3.78 26.51 -20.48
CA CYS A 34 3.06 26.10 -21.66
C CYS A 34 1.71 25.52 -21.16
N LEU A 35 0.61 26.19 -21.54
CA LEU A 35 -0.72 25.90 -21.03
C LEU A 35 -1.43 25.02 -22.07
N HIS A 36 -1.53 23.72 -21.82
CA HIS A 36 -2.26 22.82 -22.70
C HIS A 36 -3.76 22.86 -22.33
N TYR A 37 -4.64 22.72 -23.33
CA TYR A 37 -6.07 22.63 -23.14
C TYR A 37 -6.67 21.83 -24.30
N HIS A 38 -7.90 21.37 -24.07
CA HIS A 38 -8.61 20.63 -25.10
C HIS A 38 -9.86 21.45 -25.54
N ARG A 39 -10.88 21.63 -24.70
CA ARG A 39 -12.03 22.44 -25.12
C ARG A 39 -12.02 23.86 -24.58
N SER A 40 -11.22 24.13 -23.54
CA SER A 40 -11.38 25.40 -22.83
CA SER A 40 -11.40 25.40 -22.84
C SER A 40 -10.44 26.49 -23.41
N ALA A 41 -10.63 26.79 -24.68
CA ALA A 41 -9.73 27.73 -25.34
C ALA A 41 -9.84 29.09 -24.71
N ALA A 42 -11.06 29.54 -24.36
CA ALA A 42 -11.24 30.90 -23.90
C ALA A 42 -10.60 31.04 -22.54
N GLU A 43 -10.77 30.01 -21.69
CA GLU A 43 -10.13 30.03 -20.37
C GLU A 43 -8.61 30.00 -20.47
N ALA A 44 -8.06 29.14 -21.34
CA ALA A 44 -6.59 29.03 -21.46
C ALA A 44 -5.99 30.36 -21.93
N ASN A 45 -6.65 30.93 -22.92
CA ASN A 45 -6.20 32.21 -23.49
C ASN A 45 -6.27 33.36 -22.52
N ALA A 46 -7.31 33.40 -21.72
CA ALA A 46 -7.39 34.42 -20.66
C ALA A 46 -6.26 34.25 -19.62
N LEU A 47 -5.96 33.02 -19.27
CA LEU A 47 -4.89 32.75 -18.33
C LEU A 47 -3.54 33.18 -18.89
N SER A 48 -3.25 32.80 -20.12
CA SER A 48 -1.99 33.20 -20.77
C SER A 48 -1.88 34.77 -20.81
N ALA A 49 -3.02 35.44 -21.10
CA ALA A 49 -3.06 36.93 -21.09
C ALA A 49 -2.64 37.49 -19.76
N THR A 50 -3.26 36.97 -18.70
CA THR A 50 -2.88 37.36 -17.36
C THR A 50 -1.38 37.14 -17.08
N LEU A 51 -0.84 35.93 -17.38
CA LEU A 51 0.55 35.61 -17.11
C LEU A 51 1.54 36.44 -17.96
N ASN A 52 1.21 36.65 -19.26
CA ASN A 52 2.02 37.45 -20.18
C ASN A 52 2.04 38.96 -19.77
N ALA A 53 0.92 39.45 -19.24
CA ALA A 53 0.84 40.83 -18.70
C ALA A 53 1.76 40.95 -17.51
N ARG A 54 1.80 39.90 -16.69
CA ARG A 54 2.61 39.91 -15.46
C ARG A 54 4.09 39.84 -15.85
N ARG A 55 4.41 39.05 -16.89
CA ARG A 55 5.80 38.85 -17.27
C ARG A 55 5.81 38.46 -18.72
N PRO A 56 6.35 39.35 -19.58
CA PRO A 56 6.22 39.15 -21.00
C PRO A 56 6.80 37.84 -21.43
N ASN A 57 6.14 37.18 -22.38
CA ASN A 57 6.64 35.92 -22.95
C ASN A 57 6.90 34.83 -21.89
N SER A 58 6.05 34.78 -20.88
CA SER A 58 6.06 33.74 -19.82
CA SER A 58 6.09 33.70 -19.87
C SER A 58 4.92 32.70 -19.95
N ALA A 59 4.07 32.81 -20.98
CA ALA A 59 3.02 31.78 -21.19
C ALA A 59 2.73 31.61 -22.69
N ILE A 60 2.37 30.39 -23.10
CA ILE A 60 1.81 30.13 -24.46
C ILE A 60 0.65 29.13 -24.21
N THR A 61 -0.21 28.94 -25.21
CA THR A 61 -1.25 27.88 -25.08
C THR A 61 -1.14 26.94 -26.25
N VAL A 62 -1.42 25.65 -26.00
CA VAL A 62 -1.35 24.62 -27.04
CA VAL A 62 -1.37 24.63 -27.04
C VAL A 62 -2.58 23.70 -26.86
N GLN A 63 -3.19 23.35 -27.98
CA GLN A 63 -4.41 22.56 -27.95
C GLN A 63 -4.15 21.14 -28.37
N ALA A 64 -4.66 20.18 -27.59
CA ALA A 64 -4.52 18.78 -27.98
C ALA A 64 -5.55 17.90 -27.35
N ASP A 65 -6.13 17.02 -28.14
CA ASP A 65 -7.02 16.01 -27.61
C ASP A 65 -6.07 14.89 -27.14
N LEU A 66 -6.17 14.51 -25.87
CA LEU A 66 -5.23 13.49 -25.28
C LEU A 66 -5.92 12.12 -25.12
N SER A 67 -7.13 12.02 -25.68
CA SER A 67 -7.77 10.72 -25.85
CA SER A 67 -7.80 10.74 -25.93
C SER A 67 -6.89 9.86 -26.76
N ASN A 68 -6.94 8.55 -26.53
CA ASN A 68 -6.17 7.57 -27.30
C ASN A 68 -6.87 7.23 -28.62
N VAL A 69 -6.93 8.22 -29.49
CA VAL A 69 -7.55 8.15 -30.81
C VAL A 69 -6.62 8.91 -31.77
N ALA A 70 -6.75 8.61 -33.08
CA ALA A 70 -6.06 9.42 -34.07
C ALA A 70 -6.99 10.55 -34.46
N THR A 71 -6.43 11.70 -34.81
CA THR A 71 -7.25 12.86 -35.15
C THR A 71 -7.00 13.24 -36.63
N ALA A 72 -7.84 14.15 -37.14
CA ALA A 72 -7.76 14.79 -38.49
C ALA A 72 -6.35 15.03 -39.06
N PRO A 73 -6.01 14.35 -40.19
CA PRO A 73 -4.86 14.63 -41.06
C PRO A 73 -4.60 16.11 -41.32
N ALA A 81 -3.33 11.66 -43.86
CA ALA A 81 -2.84 10.61 -42.96
C ALA A 81 -3.15 10.96 -41.49
N PRO A 82 -3.76 10.02 -40.72
CA PRO A 82 -4.23 10.38 -39.36
C PRO A 82 -3.06 10.76 -38.42
N VAL A 83 -3.31 11.62 -37.44
CA VAL A 83 -2.32 12.00 -36.42
C VAL A 83 -2.58 11.16 -35.13
N THR A 84 -1.60 10.36 -34.71
CA THR A 84 -1.68 9.56 -33.47
C THR A 84 -1.57 10.36 -32.13
N LEU A 85 -2.08 9.75 -31.07
CA LEU A 85 -2.05 10.36 -29.75
C LEU A 85 -0.59 10.53 -29.32
N PHE A 86 0.30 9.70 -29.85
CA PHE A 86 1.74 9.65 -29.65
C PHE A 86 2.41 10.88 -30.25
N THR A 87 2.07 11.17 -31.49
CA THR A 87 2.61 12.33 -32.21
C THR A 87 2.10 13.60 -31.58
N ARG A 88 0.81 13.64 -31.24
CA ARG A 88 0.21 14.81 -30.63
C ARG A 88 0.88 15.15 -29.30
N CYS A 89 1.38 14.13 -28.61
CA CYS A 89 2.05 14.33 -27.30
C CYS A 89 3.53 14.81 -27.48
N ALA A 90 4.26 14.21 -28.42
CA ALA A 90 5.60 14.68 -28.77
C ALA A 90 5.56 16.16 -29.20
N GLU A 91 4.56 16.52 -29.99
CA GLU A 91 4.44 17.95 -30.42
C GLU A 91 4.14 18.91 -29.27
N LEU A 92 3.45 18.44 -28.26
CA LEU A 92 3.18 19.29 -27.08
C LEU A 92 4.50 19.60 -26.38
N VAL A 93 5.32 18.58 -26.18
CA VAL A 93 6.67 18.76 -25.61
C VAL A 93 7.54 19.65 -26.54
N ALA A 94 7.48 19.41 -27.85
CA ALA A 94 8.29 20.14 -28.85
C ALA A 94 7.97 21.63 -28.91
N ALA A 95 6.71 21.98 -28.65
CA ALA A 95 6.30 23.37 -28.55
C ALA A 95 7.05 24.10 -27.48
N CYS A 96 7.35 23.45 -26.33
CA CYS A 96 8.17 24.11 -25.28
C CYS A 96 9.57 24.39 -25.81
N TYR A 97 10.19 23.36 -26.38
CA TYR A 97 11.53 23.49 -26.98
C TYR A 97 11.59 24.51 -28.17
N THR A 98 10.57 24.54 -29.05
CA THR A 98 10.50 25.51 -30.18
C THR A 98 10.41 26.93 -29.68
N HIS A 99 9.58 27.17 -28.67
CA HIS A 99 9.36 28.51 -28.23
C HIS A 99 10.41 29.05 -27.28
N TRP A 100 10.79 28.22 -26.31
CA TRP A 100 11.73 28.67 -25.29
C TRP A 100 13.04 27.83 -25.21
N GLY A 101 13.15 26.77 -25.98
CA GLY A 101 14.40 25.99 -26.01
C GLY A 101 14.60 24.99 -24.87
N ARG A 102 13.55 24.70 -24.09
CA ARG A 102 13.71 23.80 -22.94
C ARG A 102 12.37 23.35 -22.43
N CYS A 103 12.36 22.28 -21.60
CA CYS A 103 11.19 21.89 -20.84
C CYS A 103 11.67 21.16 -19.55
N ASP A 104 11.50 21.81 -18.42
CA ASP A 104 12.06 21.34 -17.19
C ASP A 104 11.05 20.54 -16.40
N VAL A 105 9.76 20.89 -16.48
CA VAL A 105 8.72 20.37 -15.60
C VAL A 105 7.58 19.94 -16.54
N LEU A 106 7.00 18.76 -16.27
CA LEU A 106 5.81 18.28 -16.96
C LEU A 106 4.81 17.91 -15.85
N VAL A 107 3.59 18.45 -15.93
CA VAL A 107 2.55 18.08 -14.95
C VAL A 107 1.42 17.45 -15.74
N ASN A 108 1.21 16.15 -15.55
CA ASN A 108 0.13 15.41 -16.16
C ASN A 108 -1.11 15.55 -15.34
N ASN A 109 -1.84 16.60 -15.65
CA ASN A 109 -3.01 17.04 -14.85
C ASN A 109 -4.29 16.76 -15.60
N ALA A 110 -4.28 16.82 -16.94
CA ALA A 110 -5.52 16.63 -17.70
C ALA A 110 -6.12 15.30 -17.35
N SER A 111 -7.47 15.25 -17.35
CA SER A 111 -8.18 14.10 -16.84
C SER A 111 -9.63 14.11 -17.23
N SER A 112 -10.10 13.02 -17.76
CA SER A 112 -11.54 12.80 -17.95
CA SER A 112 -11.56 12.88 -17.89
C SER A 112 -12.10 12.00 -16.78
N PHE A 113 -13.33 12.30 -16.36
CA PHE A 113 -13.87 11.63 -15.17
C PHE A 113 -15.38 11.57 -15.28
N TYR A 114 -15.92 10.36 -15.40
CA TYR A 114 -17.41 10.10 -15.56
C TYR A 114 -17.61 8.61 -15.46
N PRO A 115 -18.85 8.15 -15.15
CA PRO A 115 -19.15 6.73 -14.88
C PRO A 115 -18.96 5.87 -16.07
N THR A 116 -18.49 4.64 -15.86
CA THR A 116 -18.62 3.58 -16.86
C THR A 116 -19.16 2.36 -16.05
N PRO A 117 -20.47 2.33 -15.76
CA PRO A 117 -21.04 1.29 -14.89
C PRO A 117 -20.83 -0.11 -15.42
N LEU A 118 -20.63 -1.06 -14.51
CA LEU A 118 -20.44 -2.43 -14.95
C LEU A 118 -21.78 -3.10 -15.23
N LEU A 119 -22.80 -2.55 -14.57
CA LEU A 119 -24.14 -3.06 -14.47
C LEU A 119 -25.07 -1.95 -15.03
N ARG A 120 -25.85 -2.29 -16.08
CA ARG A 120 -26.66 -1.33 -16.87
C ARG A 120 -28.08 -1.22 -16.32
N ARG A 133 -22.53 2.82 -27.94
CA ARG A 133 -21.74 2.07 -28.94
C ARG A 133 -20.40 2.78 -29.31
N GLU A 134 -20.48 3.95 -29.96
CA GLU A 134 -19.35 4.91 -29.97
C GLU A 134 -19.17 5.61 -28.60
N ALA A 135 -20.22 5.64 -27.76
CA ALA A 135 -20.13 6.06 -26.33
C ALA A 135 -19.20 5.12 -25.54
N MET A 136 -19.32 3.81 -25.78
CA MET A 136 -18.43 2.77 -25.24
C MET A 136 -16.95 2.97 -25.66
N GLU A 137 -16.66 2.89 -26.96
CA GLU A 137 -15.26 2.97 -27.42
C GLU A 137 -14.62 4.33 -27.11
N THR A 138 -15.46 5.39 -27.17
CA THR A 138 -14.97 6.74 -26.91
C THR A 138 -14.68 6.89 -25.46
N ALA A 139 -15.51 6.32 -24.57
CA ALA A 139 -15.19 6.40 -23.13
C ALA A 139 -13.81 5.76 -22.77
N THR A 140 -13.57 4.52 -23.19
CA THR A 140 -12.30 3.82 -22.93
C THR A 140 -11.10 4.62 -23.44
N ALA A 141 -11.16 5.07 -24.67
CA ALA A 141 -10.12 5.91 -25.26
C ALA A 141 -9.86 7.22 -24.50
N ASP A 142 -10.96 7.87 -24.07
CA ASP A 142 -10.91 9.21 -23.49
C ASP A 142 -10.43 9.05 -22.05
N LEU A 143 -11.01 8.11 -21.30
CA LEU A 143 -10.60 7.93 -19.89
C LEU A 143 -9.17 7.36 -19.83
N PHE A 144 -8.87 6.30 -20.58
CA PHE A 144 -7.50 5.77 -20.54
C PHE A 144 -6.48 6.70 -21.18
N GLY A 145 -6.85 7.39 -22.27
CA GLY A 145 -5.93 8.31 -22.91
C GLY A 145 -5.46 9.45 -22.01
N SER A 146 -6.44 10.23 -21.49
CA SER A 146 -6.16 11.45 -20.74
C SER A 146 -5.44 11.12 -19.47
N ASN A 147 -5.83 10.05 -18.80
CA ASN A 147 -5.34 9.76 -17.45
C ASN A 147 -4.05 8.89 -17.42
N ALA A 148 -3.73 8.15 -18.50
CA ALA A 148 -2.65 7.10 -18.45
C ALA A 148 -1.84 7.10 -19.69
N ILE A 149 -2.46 6.91 -20.86
CA ILE A 149 -1.60 6.73 -22.08
C ILE A 149 -0.95 8.01 -22.54
N ALA A 150 -1.69 9.13 -22.53
CA ALA A 150 -1.03 10.38 -22.93
C ALA A 150 0.10 10.73 -21.91
N PRO A 151 -0.15 10.55 -20.59
CA PRO A 151 0.99 10.73 -19.60
C PRO A 151 2.23 9.89 -19.95
N TYR A 152 2.01 8.65 -20.39
CA TYR A 152 3.14 7.81 -20.87
C TYR A 152 3.89 8.42 -22.06
N PHE A 153 3.18 8.75 -23.14
CA PHE A 153 3.86 9.31 -24.33
C PHE A 153 4.49 10.68 -24.04
N LEU A 154 3.81 11.49 -23.22
CA LEU A 154 4.37 12.79 -22.76
C LEU A 154 5.68 12.54 -21.98
N ILE A 155 5.65 11.61 -21.03
CA ILE A 155 6.87 11.37 -20.27
C ILE A 155 7.97 10.88 -21.23
N LYS A 156 7.62 9.93 -22.11
CA LYS A 156 8.57 9.40 -23.10
C LYS A 156 9.18 10.56 -23.97
N ALA A 157 8.32 11.45 -24.49
CA ALA A 157 8.83 12.57 -25.26
C ALA A 157 9.77 13.45 -24.45
N PHE A 158 9.34 13.78 -23.23
CA PHE A 158 10.06 14.67 -22.28
C PHE A 158 11.46 14.05 -22.07
N ALA A 159 11.50 12.76 -21.78
CA ALA A 159 12.77 12.02 -21.53
C ALA A 159 13.69 12.00 -22.73
N HIS A 160 13.09 11.79 -23.93
CA HIS A 160 13.83 11.74 -25.17
CA HIS A 160 13.84 11.76 -25.19
C HIS A 160 14.57 13.08 -25.35
N ARG A 161 13.85 14.20 -25.13
CA ARG A 161 14.42 15.53 -25.29
C ARG A 161 15.54 15.83 -24.31
N VAL A 162 15.40 15.38 -23.07
CA VAL A 162 16.51 15.49 -22.11
C VAL A 162 17.72 14.61 -22.52
N ALA A 163 17.46 13.33 -22.84
CA ALA A 163 18.56 12.45 -23.31
C ALA A 163 19.28 13.02 -24.53
N GLY A 164 18.54 13.63 -25.44
CA GLY A 164 19.20 14.28 -26.59
C GLY A 164 19.89 15.61 -26.32
N THR A 165 19.74 16.17 -25.12
CA THR A 165 20.41 17.45 -24.80
C THR A 165 21.84 17.10 -24.31
N PRO A 166 22.91 17.77 -24.84
CA PRO A 166 24.28 17.56 -24.28
C PRO A 166 24.29 17.88 -22.78
N ALA A 167 24.96 17.05 -21.99
CA ALA A 167 24.95 17.17 -20.50
C ALA A 167 25.31 18.59 -20.06
N LYS A 168 26.18 19.30 -20.80
CA LYS A 168 26.55 20.67 -20.42
C LYS A 168 25.39 21.68 -20.61
N HIS A 169 24.41 21.33 -21.44
CA HIS A 169 23.23 22.20 -21.61
C HIS A 169 21.97 21.71 -20.85
N ARG A 170 22.08 20.63 -20.09
CA ARG A 170 20.89 20.10 -19.36
C ARG A 170 20.37 21.06 -18.29
N GLY A 171 19.04 21.15 -18.12
CA GLY A 171 18.47 21.71 -16.92
C GLY A 171 19.01 21.05 -15.64
N THR A 172 18.86 21.72 -14.51
CA THR A 172 19.43 21.16 -13.26
C THR A 172 18.34 20.69 -12.31
N ASN A 173 17.07 20.74 -12.70
CA ASN A 173 15.96 20.34 -11.79
C ASN A 173 14.76 19.86 -12.64
N TYR A 174 14.90 18.69 -13.25
CA TYR A 174 13.81 18.15 -14.02
C TYR A 174 12.81 17.40 -13.07
N SER A 175 11.51 17.66 -13.23
CA SER A 175 10.54 17.11 -12.34
C SER A 175 9.29 16.82 -13.16
N ILE A 176 8.77 15.60 -13.02
CA ILE A 176 7.47 15.27 -13.62
C ILE A 176 6.49 14.96 -12.50
N ILE A 177 5.30 15.57 -12.55
CA ILE A 177 4.29 15.31 -11.56
C ILE A 177 3.09 14.66 -12.26
N ASN A 178 2.58 13.55 -11.73
CA ASN A 178 1.34 12.95 -12.23
C ASN A 178 0.25 13.21 -11.23
N MET A 179 -0.84 13.79 -11.69
CA MET A 179 -2.00 13.98 -10.80
C MET A 179 -2.78 12.68 -10.71
N VAL A 180 -2.71 12.03 -9.55
CA VAL A 180 -3.41 10.78 -9.33
C VAL A 180 -4.54 11.03 -8.29
N ASP A 181 -5.11 9.99 -7.72
CA ASP A 181 -6.30 10.22 -6.89
C ASP A 181 -6.16 9.56 -5.51
N ALA A 182 -6.30 10.35 -4.45
CA ALA A 182 -6.10 9.74 -3.14
C ALA A 182 -7.10 8.59 -2.80
N MET A 183 -8.21 8.53 -3.54
CA MET A 183 -9.36 7.80 -3.10
C MET A 183 -9.60 6.54 -3.88
N THR A 184 -8.85 6.37 -4.98
CA THR A 184 -9.04 5.24 -5.90
C THR A 184 -8.85 3.86 -5.30
N ASN A 185 -8.16 3.75 -4.14
CA ASN A 185 -8.26 2.52 -3.40
C ASN A 185 -9.57 2.24 -2.68
N GLN A 186 -10.46 3.23 -2.64
CA GLN A 186 -11.81 3.07 -2.12
C GLN A 186 -12.67 3.51 -3.33
N PRO A 187 -12.81 2.65 -4.34
CA PRO A 187 -13.27 3.10 -5.64
C PRO A 187 -14.65 3.77 -5.60
N LEU A 188 -14.82 4.79 -6.39
CA LEU A 188 -16.10 5.44 -6.51
C LEU A 188 -16.98 4.52 -7.35
N LEU A 189 -18.16 4.17 -6.83
CA LEU A 189 -19.07 3.21 -7.44
C LEU A 189 -19.46 3.60 -8.88
N GLY A 190 -19.26 2.71 -9.83
CA GLY A 190 -19.58 3.05 -11.24
C GLY A 190 -18.45 3.69 -12.05
N TYR A 191 -17.30 3.97 -11.43
CA TYR A 191 -16.22 4.70 -12.15
C TYR A 191 -15.03 3.78 -12.58
N THR A 192 -15.31 2.53 -13.01
CA THR A 192 -14.26 1.49 -13.11
C THR A 192 -13.15 1.94 -14.04
N ILE A 193 -13.47 2.42 -15.24
CA ILE A 193 -12.42 2.75 -16.18
C ILE A 193 -11.56 3.85 -15.65
N TYR A 194 -12.22 4.88 -15.08
CA TYR A 194 -11.48 5.96 -14.48
C TYR A 194 -10.52 5.45 -13.39
N THR A 195 -11.01 4.58 -12.51
CA THR A 195 -10.22 4.09 -11.37
C THR A 195 -9.03 3.25 -11.92
N MET A 196 -9.24 2.52 -13.01
CA MET A 196 -8.19 1.70 -13.63
C MET A 196 -7.15 2.60 -14.27
N ALA A 197 -7.61 3.65 -14.96
CA ALA A 197 -6.69 4.62 -15.60
C ALA A 197 -5.75 5.26 -14.56
N LYS A 198 -6.30 5.61 -13.40
CA LYS A 198 -5.47 6.18 -12.29
C LYS A 198 -4.54 5.16 -11.67
N GLY A 199 -5.01 3.91 -11.58
CA GLY A 199 -4.08 2.83 -11.21
C GLY A 199 -2.94 2.72 -12.17
N ALA A 200 -3.20 2.79 -13.46
CA ALA A 200 -2.17 2.80 -14.47
C ALA A 200 -1.16 3.96 -14.29
N LEU A 201 -1.69 5.14 -13.99
CA LEU A 201 -0.86 6.35 -13.84
C LEU A 201 0.07 6.24 -12.62
N GLU A 202 -0.40 5.57 -11.57
CA GLU A 202 0.45 5.30 -10.41
C GLU A 202 1.57 4.35 -10.81
N GLY A 203 1.25 3.39 -11.67
CA GLY A 203 2.29 2.50 -12.20
C GLY A 203 3.34 3.26 -13.02
N LEU A 204 2.88 4.11 -13.94
CA LEU A 204 3.79 5.00 -14.65
C LEU A 204 4.68 5.80 -13.71
N THR A 205 4.12 6.36 -12.63
CA THR A 205 4.97 7.14 -11.65
C THR A 205 6.17 6.30 -11.16
N ARG A 206 5.87 5.09 -10.70
CA ARG A 206 6.90 4.19 -10.18
C ARG A 206 7.88 3.61 -11.20
N SER A 207 7.42 3.34 -12.41
CA SER A 207 8.31 2.75 -13.40
C SER A 207 9.15 3.90 -14.04
N ALA A 208 8.50 5.04 -14.32
CA ALA A 208 9.24 6.19 -14.92
C ALA A 208 10.28 6.69 -13.92
N ALA A 209 9.91 6.76 -12.64
CA ALA A 209 10.91 7.26 -11.67
C ALA A 209 12.15 6.38 -11.67
N LEU A 210 11.94 5.06 -11.66
CA LEU A 210 13.06 4.10 -11.72
C LEU A 210 13.92 4.33 -12.98
N GLU A 211 13.28 4.30 -14.13
CA GLU A 211 13.99 4.37 -15.38
C GLU A 211 14.67 5.72 -15.67
N LEU A 212 14.12 6.80 -15.14
CA LEU A 212 14.57 8.15 -15.56
C LEU A 212 15.48 8.74 -14.48
N ALA A 213 15.61 8.02 -13.36
CA ALA A 213 16.55 8.40 -12.32
C ALA A 213 18.02 8.63 -12.86
N PRO A 214 18.52 7.81 -13.83
CA PRO A 214 19.92 8.14 -14.30
C PRO A 214 20.03 9.52 -14.93
N LEU A 215 18.95 10.07 -15.49
CA LEU A 215 19.01 11.45 -16.01
C LEU A 215 18.56 12.46 -14.99
N GLN A 216 18.32 12.05 -13.75
CA GLN A 216 18.00 13.01 -12.66
C GLN A 216 16.61 13.68 -12.91
N ILE A 217 15.75 12.95 -13.60
CA ILE A 217 14.39 13.38 -13.81
C ILE A 217 13.62 12.68 -12.71
N ARG A 218 13.04 13.45 -11.82
CA ARG A 218 12.22 12.92 -10.73
C ARG A 218 10.78 12.76 -11.18
N VAL A 219 10.08 11.75 -10.65
CA VAL A 219 8.72 11.49 -11.14
C VAL A 219 7.92 11.16 -9.92
N ASN A 220 6.98 12.03 -9.56
CA ASN A 220 6.12 11.83 -8.43
C ASN A 220 4.65 12.02 -8.71
N GLY A 221 3.80 11.67 -7.72
CA GLY A 221 2.35 11.79 -7.84
C GLY A 221 1.83 12.72 -6.77
N VAL A 222 0.73 13.40 -7.05
CA VAL A 222 -0.01 14.16 -6.03
C VAL A 222 -1.42 13.68 -6.15
N GLY A 223 -2.04 13.22 -5.05
CA GLY A 223 -3.40 12.62 -5.08
C GLY A 223 -4.41 13.48 -4.29
N PRO A 224 -5.23 14.31 -4.98
CA PRO A 224 -6.31 15.01 -4.26
C PRO A 224 -7.35 14.02 -3.78
N GLY A 225 -8.16 14.44 -2.84
CA GLY A 225 -9.31 13.64 -2.44
C GLY A 225 -10.53 14.29 -3.03
N LEU A 226 -10.97 15.32 -2.35
CA LEU A 226 -12.14 16.13 -2.76
C LEU A 226 -11.57 17.55 -2.88
N SER A 227 -11.46 18.06 -4.11
CA SER A 227 -10.91 19.40 -4.35
CA SER A 227 -10.92 19.41 -4.33
C SER A 227 -11.81 20.17 -5.29
N VAL A 228 -12.10 21.44 -4.93
CA VAL A 228 -13.01 22.33 -5.71
CA VAL A 228 -13.02 22.33 -5.72
C VAL A 228 -14.24 21.57 -6.25
N LEU A 229 -14.97 20.97 -5.32
CA LEU A 229 -16.12 20.12 -5.69
C LEU A 229 -17.18 20.94 -6.45
N VAL A 230 -17.61 20.48 -7.62
CA VAL A 230 -18.42 21.35 -8.53
C VAL A 230 -19.83 21.44 -7.92
N ASP A 231 -20.51 22.55 -8.24
CA ASP A 231 -21.71 23.05 -7.57
C ASP A 231 -23.05 22.47 -8.05
N ASP A 232 -23.04 21.72 -9.16
CA ASP A 232 -24.22 21.28 -9.90
C ASP A 232 -24.95 20.06 -9.30
N MET A 233 -25.37 20.25 -8.06
CA MET A 233 -26.11 19.27 -7.29
C MET A 233 -26.84 20.11 -6.24
N PRO A 234 -27.87 19.55 -5.62
CA PRO A 234 -28.55 20.35 -4.56
C PRO A 234 -27.57 20.71 -3.41
N PRO A 235 -27.71 21.91 -2.81
CA PRO A 235 -26.82 22.30 -1.71
C PRO A 235 -26.69 21.24 -0.59
N ALA A 236 -27.80 20.55 -0.25
CA ALA A 236 -27.73 19.51 0.78
C ALA A 236 -26.72 18.41 0.37
N VAL A 237 -26.70 18.11 -0.93
CA VAL A 237 -25.92 17.01 -1.42
C VAL A 237 -24.45 17.46 -1.51
N TRP A 238 -24.24 18.72 -1.84
CA TRP A 238 -22.90 19.29 -1.93
C TRP A 238 -22.29 19.38 -0.51
N GLU A 239 -23.08 19.85 0.46
CA GLU A 239 -22.61 19.92 1.86
C GLU A 239 -22.38 18.52 2.43
N GLY A 240 -23.20 17.58 1.97
CA GLY A 240 -23.09 16.13 2.31
C GLY A 240 -21.72 15.57 2.02
N HIS A 241 -21.31 15.64 0.75
CA HIS A 241 -19.98 15.24 0.32
C HIS A 241 -18.88 15.89 1.17
N ARG A 242 -18.93 17.21 1.31
CA ARG A 242 -17.87 17.96 1.99
C ARG A 242 -17.72 17.54 3.46
N SER A 243 -18.86 17.32 4.11
CA SER A 243 -18.91 17.02 5.54
C SER A 243 -18.17 15.69 5.90
N LYS A 244 -17.94 14.85 4.88
CA LYS A 244 -17.28 13.57 5.01
C LYS A 244 -15.74 13.68 5.21
N VAL A 245 -15.14 14.83 4.92
CA VAL A 245 -13.69 15.03 5.02
C VAL A 245 -13.38 15.32 6.48
N PRO A 246 -12.57 14.44 7.16
CA PRO A 246 -12.25 14.66 8.58
C PRO A 246 -11.66 16.04 8.85
N LEU A 247 -10.66 16.44 8.07
CA LEU A 247 -10.01 17.72 8.26
C LEU A 247 -10.70 18.86 7.53
N TYR A 248 -11.35 19.73 8.29
CA TYR A 248 -12.04 20.89 7.74
C TYR A 248 -13.45 20.62 7.18
N GLN A 249 -13.92 19.39 7.27
CA GLN A 249 -15.27 19.09 6.75
C GLN A 249 -15.54 19.90 5.45
N ARG A 250 -14.53 20.04 4.58
CA ARG A 250 -14.78 20.70 3.33
C ARG A 250 -13.82 20.11 2.29
N ASP A 251 -14.18 20.31 1.02
CA ASP A 251 -13.24 20.08 -0.11
C ASP A 251 -12.10 21.08 -0.03
N SER A 252 -10.96 20.75 -0.68
CA SER A 252 -9.80 21.62 -0.68
C SER A 252 -9.96 22.80 -1.64
N SER A 253 -9.19 23.86 -1.43
CA SER A 253 -9.03 24.87 -2.49
C SER A 253 -8.05 24.32 -3.54
N ALA A 254 -8.09 24.90 -4.76
CA ALA A 254 -7.12 24.60 -5.78
C ALA A 254 -5.67 24.84 -5.31
N ALA A 255 -5.40 25.90 -4.57
CA ALA A 255 -4.02 26.17 -4.10
C ALA A 255 -3.55 25.14 -3.02
N GLU A 256 -4.50 24.59 -2.24
CA GLU A 256 -4.15 23.56 -1.28
C GLU A 256 -3.55 22.30 -1.93
N VAL A 257 -3.89 22.05 -3.19
CA VAL A 257 -3.27 20.98 -3.95
C VAL A 257 -2.05 21.52 -4.70
N SER A 258 -2.19 22.65 -5.39
CA SER A 258 -1.14 23.12 -6.29
C SER A 258 0.12 23.50 -5.57
N ASP A 259 0.01 24.01 -4.33
CA ASP A 259 1.24 24.31 -3.54
C ASP A 259 2.14 23.09 -3.34
N VAL A 260 1.50 21.92 -3.23
CA VAL A 260 2.23 20.65 -2.98
C VAL A 260 2.96 20.30 -4.29
N VAL A 261 2.23 20.41 -5.42
CA VAL A 261 2.86 20.24 -6.73
C VAL A 261 4.12 21.11 -6.89
N ILE A 262 4.01 22.38 -6.55
CA ILE A 262 5.09 23.31 -6.71
C ILE A 262 6.27 22.94 -5.78
N PHE A 263 5.94 22.55 -4.54
CA PHE A 263 6.99 22.14 -3.62
C PHE A 263 7.69 20.88 -4.24
N LEU A 264 6.97 19.92 -4.78
CA LEU A 264 7.73 18.73 -5.29
C LEU A 264 8.63 19.01 -6.50
N CYS A 265 8.31 20.11 -7.23
CA CYS A 265 9.11 20.61 -8.37
C CYS A 265 10.30 21.48 -7.88
N SER A 266 10.33 21.89 -6.60
CA SER A 266 11.37 22.83 -6.14
C SER A 266 12.63 22.03 -5.86
N SER A 267 13.79 22.71 -5.87
CA SER A 267 15.04 21.99 -5.58
C SER A 267 15.11 21.49 -4.11
N LYS A 268 14.29 22.01 -3.21
CA LYS A 268 14.19 21.39 -1.87
C LYS A 268 13.67 19.93 -1.92
N ALA A 269 12.97 19.55 -2.98
CA ALA A 269 12.43 18.17 -3.03
C ALA A 269 13.34 17.26 -3.87
N LYS A 270 14.57 17.66 -4.09
CA LYS A 270 15.39 16.90 -5.02
C LYS A 270 15.78 15.45 -4.70
N TYR A 271 15.54 14.99 -3.47
CA TYR A 271 15.74 13.61 -3.18
C TYR A 271 14.44 12.76 -3.28
N ILE A 272 13.31 13.41 -3.61
CA ILE A 272 12.03 12.71 -3.64
C ILE A 272 11.78 12.25 -5.05
N THR A 273 11.63 10.94 -5.26
CA THR A 273 11.12 10.43 -6.56
C THR A 273 10.38 9.11 -6.37
N GLY A 274 9.47 8.77 -7.30
CA GLY A 274 8.73 7.49 -7.19
C GLY A 274 7.70 7.43 -6.08
N THR A 275 7.33 8.58 -5.51
CA THR A 275 6.43 8.62 -4.37
C THR A 275 5.13 9.35 -4.78
N VAL A 277 2.00 11.85 -2.97
CA VAL A 277 1.60 12.60 -1.77
C VAL A 277 0.10 12.81 -1.87
N LYS A 278 -0.62 12.31 -0.87
CA LYS A 278 -2.09 12.51 -0.76
C LYS A 278 -2.41 13.88 -0.23
N VAL A 279 -3.32 14.60 -0.87
CA VAL A 279 -3.70 15.92 -0.31
C VAL A 279 -5.22 15.82 -0.15
N ASP A 280 -5.67 15.23 0.94
CA ASP A 280 -7.05 14.77 0.99
C ASP A 280 -7.74 15.03 2.33
N GLY A 281 -7.08 15.76 3.24
CA GLY A 281 -7.73 16.15 4.51
C GLY A 281 -8.15 14.90 5.27
N GLY A 282 -7.39 13.80 5.07
CA GLY A 282 -7.70 12.58 5.72
C GLY A 282 -8.91 11.80 5.19
N TYR A 283 -9.43 12.19 4.01
CA TYR A 283 -10.57 11.47 3.47
C TYR A 283 -10.31 9.92 3.28
N SER A 284 -9.10 9.56 2.88
CA SER A 284 -8.76 8.15 2.65
C SER A 284 -8.69 7.33 3.95
N LEU A 285 -8.67 7.97 5.12
CA LEU A 285 -8.76 7.28 6.41
C LEU A 285 -10.15 6.87 6.85
N THR A 286 -11.15 7.27 6.10
CA THR A 286 -12.54 6.96 6.42
C THR A 286 -12.98 5.58 5.88
N ARG A 287 -14.09 5.10 6.42
CA ARG A 287 -14.80 3.89 6.01
C ARG A 287 -16.30 4.21 6.02
N ALA A 288 -17.09 3.47 5.25
CA ALA A 288 -18.55 3.66 5.27
C ALA A 288 -19.10 3.37 6.68
N THR B 5 -25.81 -27.33 -13.86
CA THR B 5 -25.57 -28.42 -12.83
C THR B 5 -24.07 -28.65 -12.46
N VAL B 6 -23.20 -28.66 -13.46
CA VAL B 6 -21.75 -28.71 -13.26
C VAL B 6 -21.23 -27.26 -13.43
N PRO B 7 -20.48 -26.72 -12.44
CA PRO B 7 -20.09 -25.28 -12.60
C PRO B 7 -19.09 -25.07 -13.78
N VAL B 8 -19.06 -23.86 -14.34
CA VAL B 8 -18.22 -23.56 -15.48
C VAL B 8 -17.18 -22.47 -15.17
N ALA B 9 -15.95 -22.67 -15.65
CA ALA B 9 -14.84 -21.70 -15.54
C ALA B 9 -14.33 -21.27 -16.90
N LEU B 10 -14.22 -19.96 -17.13
CA LEU B 10 -13.49 -19.44 -18.28
C LEU B 10 -12.08 -19.03 -17.81
N VAL B 11 -11.04 -19.50 -18.53
CA VAL B 11 -9.65 -19.18 -18.15
C VAL B 11 -9.01 -18.68 -19.42
N THR B 12 -8.60 -17.40 -19.39
CA THR B 12 -7.96 -16.81 -20.57
C THR B 12 -6.47 -17.21 -20.53
N GLY B 13 -5.88 -17.37 -21.71
CA GLY B 13 -4.48 -17.81 -21.84
C GLY B 13 -4.23 -19.14 -21.18
N ALA B 14 -5.18 -20.06 -21.32
CA ALA B 14 -5.12 -21.35 -20.60
C ALA B 14 -4.24 -22.48 -21.19
N ALA B 15 -3.65 -22.26 -22.35
CA ALA B 15 -2.90 -23.34 -23.04
C ALA B 15 -1.69 -23.86 -22.24
N LYS B 16 -0.98 -22.99 -21.52
CA LYS B 16 0.35 -23.30 -21.07
C LYS B 16 0.57 -22.75 -19.66
N ARG B 17 1.65 -23.19 -19.03
CA ARG B 17 2.19 -22.57 -17.84
C ARG B 17 1.05 -22.34 -16.81
N LEU B 18 0.95 -21.13 -16.23
CA LEU B 18 0.02 -20.98 -15.08
C LEU B 18 -1.45 -21.10 -15.48
N GLY B 19 -1.80 -20.58 -16.65
CA GLY B 19 -3.22 -20.69 -17.11
C GLY B 19 -3.66 -22.15 -17.30
N ARG B 20 -2.74 -22.98 -17.83
CA ARG B 20 -2.97 -24.41 -17.92
C ARG B 20 -3.12 -24.99 -16.51
N SER B 21 -2.23 -24.57 -15.62
CA SER B 21 -2.30 -25.15 -14.29
C SER B 21 -3.62 -24.77 -13.60
N ILE B 22 -4.07 -23.53 -13.85
CA ILE B 22 -5.38 -23.06 -13.30
C ILE B 22 -6.56 -23.88 -13.84
N ALA B 23 -6.62 -24.05 -15.15
CA ALA B 23 -7.63 -24.82 -15.81
C ALA B 23 -7.70 -26.28 -15.29
N GLU B 24 -6.53 -26.89 -15.11
CA GLU B 24 -6.42 -28.22 -14.53
C GLU B 24 -6.90 -28.27 -13.08
N GLY B 25 -6.47 -27.29 -12.27
CA GLY B 25 -6.87 -27.24 -10.83
C GLY B 25 -8.39 -27.07 -10.71
N LEU B 26 -9.00 -26.28 -11.61
CA LEU B 26 -10.48 -26.08 -11.59
C LEU B 26 -11.20 -27.35 -12.09
N HIS B 27 -10.64 -27.95 -13.16
CA HIS B 27 -11.17 -29.20 -13.69
C HIS B 27 -11.16 -30.29 -12.58
N ALA B 28 -10.04 -30.38 -11.84
CA ALA B 28 -9.89 -31.33 -10.72
C ALA B 28 -10.97 -31.15 -9.66
N GLU B 29 -11.44 -29.92 -9.44
CA GLU B 29 -12.54 -29.68 -8.50
C GLU B 29 -13.90 -30.01 -9.08
N GLY B 30 -14.00 -30.25 -10.39
CA GLY B 30 -15.26 -30.62 -11.00
C GLY B 30 -15.80 -29.54 -11.91
N TYR B 31 -15.07 -28.42 -12.08
CA TYR B 31 -15.52 -27.48 -13.14
C TYR B 31 -15.35 -28.02 -14.54
N ALA B 32 -16.32 -27.74 -15.36
CA ALA B 32 -16.09 -27.71 -16.79
C ALA B 32 -15.34 -26.40 -17.10
N VAL B 33 -14.44 -26.47 -18.08
CA VAL B 33 -13.50 -25.36 -18.37
CA VAL B 33 -13.50 -25.37 -18.36
C VAL B 33 -13.53 -24.94 -19.83
N CYS B 34 -13.69 -23.64 -20.06
CA CYS B 34 -13.51 -23.06 -21.34
C CYS B 34 -12.10 -22.53 -21.38
N LEU B 35 -11.28 -23.16 -22.19
CA LEU B 35 -9.88 -22.80 -22.28
C LEU B 35 -9.70 -21.81 -23.41
N HIS B 36 -9.48 -20.56 -23.06
CA HIS B 36 -9.17 -19.53 -24.11
C HIS B 36 -7.68 -19.60 -24.45
N TYR B 37 -7.34 -19.36 -25.71
CA TYR B 37 -5.97 -19.26 -26.16
C TYR B 37 -5.96 -18.23 -27.28
N HIS B 38 -4.76 -17.78 -27.66
CA HIS B 38 -4.60 -16.85 -28.77
C HIS B 38 -3.80 -17.54 -29.92
N ARG B 39 -2.49 -17.74 -29.75
CA ARG B 39 -1.68 -18.41 -30.77
CA ARG B 39 -1.56 -18.38 -30.70
C ARG B 39 -1.30 -19.86 -30.40
N SER B 40 -1.44 -20.26 -29.13
CA SER B 40 -1.07 -21.62 -28.74
C SER B 40 -2.20 -22.64 -29.02
N ALA B 41 -2.56 -22.78 -30.31
CA ALA B 41 -3.72 -23.64 -30.66
C ALA B 41 -3.47 -25.13 -30.36
N ALA B 42 -2.24 -25.61 -30.65
CA ALA B 42 -1.85 -27.02 -30.45
C ALA B 42 -1.79 -27.40 -28.99
N GLU B 43 -1.28 -26.50 -28.14
CA GLU B 43 -1.22 -26.73 -26.73
C GLU B 43 -2.62 -26.71 -26.12
N ALA B 44 -3.48 -25.81 -26.56
CA ALA B 44 -4.86 -25.79 -26.01
C ALA B 44 -5.68 -27.07 -26.34
N ASN B 45 -5.55 -27.48 -27.58
CA ASN B 45 -6.16 -28.73 -28.04
C ASN B 45 -5.66 -29.99 -27.37
N ALA B 46 -4.34 -30.02 -27.14
CA ALA B 46 -3.71 -31.07 -26.37
C ALA B 46 -4.37 -31.13 -24.97
N LEU B 47 -4.42 -29.97 -24.27
CA LEU B 47 -4.92 -29.93 -22.90
C LEU B 47 -6.40 -30.31 -22.86
N SER B 48 -7.14 -29.83 -23.86
CA SER B 48 -8.55 -30.08 -23.96
C SER B 48 -8.81 -31.62 -24.11
N ALA B 49 -7.94 -32.28 -24.86
CA ALA B 49 -8.04 -33.78 -25.02
C ALA B 49 -7.84 -34.46 -23.72
N THR B 50 -6.82 -34.02 -22.96
CA THR B 50 -6.52 -34.61 -21.68
C THR B 50 -7.69 -34.52 -20.67
N LEU B 51 -8.29 -33.32 -20.56
CA LEU B 51 -9.40 -33.09 -19.62
C LEU B 51 -10.69 -33.84 -20.08
N ASN B 52 -11.01 -33.75 -21.36
CA ASN B 52 -12.11 -34.52 -21.97
C ASN B 52 -11.99 -36.05 -21.86
N ALA B 53 -10.72 -36.53 -21.74
CA ALA B 53 -10.41 -37.92 -21.37
C ALA B 53 -10.65 -38.26 -19.93
N ARG B 54 -10.33 -37.33 -19.02
CA ARG B 54 -10.65 -37.61 -17.63
C ARG B 54 -12.15 -37.62 -17.41
N ARG B 55 -12.86 -36.80 -18.19
CA ARG B 55 -14.26 -36.55 -17.94
C ARG B 55 -14.83 -35.97 -19.21
N PRO B 56 -15.68 -36.76 -19.93
CA PRO B 56 -16.14 -36.30 -21.25
C PRO B 56 -16.96 -34.98 -21.19
N ASN B 57 -16.86 -34.14 -22.24
CA ASN B 57 -17.55 -32.86 -22.34
C ASN B 57 -17.34 -31.89 -21.14
N SER B 58 -16.09 -31.79 -20.70
CA SER B 58 -15.75 -30.92 -19.59
C SER B 58 -14.67 -29.88 -19.94
N ALA B 59 -14.32 -29.79 -21.21
CA ALA B 59 -13.41 -28.75 -21.69
C ALA B 59 -13.74 -28.41 -23.14
N ILE B 60 -13.73 -27.12 -23.50
CA ILE B 60 -13.73 -26.65 -24.89
C ILE B 60 -12.60 -25.63 -25.05
N THR B 61 -12.30 -25.22 -26.28
CA THR B 61 -11.33 -24.17 -26.50
C THR B 61 -11.94 -23.05 -27.35
N VAL B 62 -11.43 -21.83 -27.18
CA VAL B 62 -11.92 -20.69 -27.94
CA VAL B 62 -11.93 -20.63 -27.87
C VAL B 62 -10.74 -19.75 -28.13
N GLN B 63 -10.67 -19.19 -29.34
CA GLN B 63 -9.55 -18.42 -29.80
C GLN B 63 -9.96 -16.95 -29.83
N ALA B 64 -9.12 -16.06 -29.28
CA ALA B 64 -9.38 -14.63 -29.36
C ALA B 64 -8.12 -13.87 -29.12
N ASP B 65 -7.93 -12.86 -29.92
CA ASP B 65 -6.93 -11.86 -29.66
C ASP B 65 -7.59 -10.87 -28.66
N LEU B 66 -6.96 -10.70 -27.51
CA LEU B 66 -7.47 -9.83 -26.46
C LEU B 66 -6.72 -8.51 -26.50
N SER B 67 -5.91 -8.26 -27.53
CA SER B 67 -5.35 -6.95 -27.72
C SER B 67 -6.49 -5.90 -27.98
N ASN B 68 -6.29 -4.63 -27.62
CA ASN B 68 -7.35 -3.61 -27.77
C ASN B 68 -7.37 -3.10 -29.23
N VAL B 69 -7.71 -3.99 -30.17
CA VAL B 69 -7.78 -3.71 -31.61
C VAL B 69 -9.00 -4.46 -32.20
N ALA B 70 -9.54 -3.88 -33.27
CA ALA B 70 -10.62 -4.46 -34.05
C ALA B 70 -10.02 -5.51 -34.96
N THR B 71 -10.67 -6.64 -35.08
CA THR B 71 -10.21 -7.69 -35.98
C THR B 71 -11.13 -7.83 -37.22
N ALA B 72 -10.68 -8.64 -38.16
CA ALA B 72 -11.41 -8.95 -39.39
C ALA B 72 -12.66 -9.78 -39.13
N PRO B 73 -13.75 -9.44 -39.81
CA PRO B 73 -14.99 -10.18 -39.67
C PRO B 73 -14.95 -11.50 -40.43
N ALA B 81 -18.18 -5.96 -41.43
CA ALA B 81 -17.91 -4.95 -40.41
C ALA B 81 -16.81 -5.39 -39.48
N PRO B 82 -16.05 -4.47 -38.92
CA PRO B 82 -14.91 -4.93 -38.05
C PRO B 82 -15.37 -5.30 -36.64
N VAL B 83 -14.72 -6.28 -36.02
CA VAL B 83 -15.14 -6.82 -34.70
C VAL B 83 -14.34 -6.15 -33.58
N THR B 84 -15.02 -5.49 -32.65
CA THR B 84 -14.29 -4.81 -31.54
C THR B 84 -13.76 -5.80 -30.49
N LEU B 85 -12.83 -5.32 -29.65
CA LEU B 85 -12.40 -6.12 -28.50
C LEU B 85 -13.59 -6.47 -27.58
N PHE B 86 -14.47 -5.49 -27.35
CA PHE B 86 -15.59 -5.75 -26.50
C PHE B 86 -16.41 -6.99 -26.97
N THR B 87 -16.77 -6.99 -28.25
CA THR B 87 -17.54 -8.09 -28.84
C THR B 87 -16.82 -9.43 -28.72
N ARG B 88 -15.52 -9.43 -29.00
CA ARG B 88 -14.72 -10.66 -28.83
C ARG B 88 -14.78 -11.18 -27.40
N CYS B 89 -14.87 -10.27 -26.43
CA CYS B 89 -14.92 -10.65 -25.01
C CYS B 89 -16.29 -11.12 -24.63
N ALA B 90 -17.33 -10.42 -25.08
CA ALA B 90 -18.70 -10.93 -24.84
C ALA B 90 -18.87 -12.34 -25.42
N GLU B 91 -18.29 -12.59 -26.59
CA GLU B 91 -18.45 -13.92 -27.22
C GLU B 91 -17.75 -15.03 -26.45
N LEU B 92 -16.64 -14.70 -25.78
CA LEU B 92 -15.92 -15.67 -24.93
C LEU B 92 -16.80 -16.15 -23.80
N VAL B 93 -17.51 -15.19 -23.20
CA VAL B 93 -18.40 -15.48 -22.09
C VAL B 93 -19.65 -16.23 -22.63
N ALA B 94 -20.17 -15.79 -23.80
CA ALA B 94 -21.35 -16.38 -24.47
C ALA B 94 -21.13 -17.90 -24.72
N ALA B 95 -19.91 -18.24 -25.13
CA ALA B 95 -19.47 -19.62 -25.39
C ALA B 95 -19.69 -20.55 -24.22
N CYS B 96 -19.45 -20.05 -23.02
CA CYS B 96 -19.73 -20.82 -21.82
C CYS B 96 -21.22 -21.09 -21.67
N TYR B 97 -22.01 -20.03 -21.81
CA TYR B 97 -23.46 -20.14 -21.68
C TYR B 97 -24.10 -21.06 -22.81
N THR B 98 -23.72 -20.81 -24.05
CA THR B 98 -24.11 -21.64 -25.19
C THR B 98 -23.80 -23.12 -24.95
N HIS B 99 -22.57 -23.44 -24.60
CA HIS B 99 -22.20 -24.82 -24.44
C HIS B 99 -22.72 -25.49 -23.16
N TRP B 100 -22.71 -24.76 -22.03
CA TRP B 100 -23.01 -25.39 -20.73
C TRP B 100 -24.08 -24.72 -19.90
N GLY B 101 -24.66 -23.64 -20.45
CA GLY B 101 -25.74 -22.90 -19.77
C GLY B 101 -25.31 -22.05 -18.58
N ARG B 102 -24.02 -21.85 -18.37
CA ARG B 102 -23.61 -21.06 -17.22
C ARG B 102 -22.13 -20.64 -17.34
N CYS B 103 -21.73 -19.68 -16.50
CA CYS B 103 -20.31 -19.26 -16.30
C CYS B 103 -20.19 -18.80 -14.83
N ASP B 104 -19.56 -19.65 -14.01
CA ASP B 104 -19.41 -19.36 -12.56
C ASP B 104 -18.12 -18.62 -12.22
N VAL B 105 -17.07 -18.88 -13.00
CA VAL B 105 -15.70 -18.46 -12.63
C VAL B 105 -15.12 -17.88 -13.86
N LEU B 106 -14.50 -16.72 -13.67
CA LEU B 106 -13.68 -16.15 -14.74
C LEU B 106 -12.32 -15.95 -14.17
N VAL B 107 -11.27 -16.41 -14.86
CA VAL B 107 -9.87 -16.12 -14.41
C VAL B 107 -9.26 -15.34 -15.53
N ASN B 108 -8.97 -14.08 -15.26
CA ASN B 108 -8.22 -13.24 -16.20
C ASN B 108 -6.69 -13.45 -16.08
N ASN B 109 -6.21 -14.38 -16.87
CA ASN B 109 -4.84 -14.85 -16.82
C ASN B 109 -3.99 -14.44 -18.02
N ALA B 110 -4.59 -14.36 -19.20
CA ALA B 110 -3.86 -14.00 -20.40
C ALA B 110 -3.16 -12.66 -20.25
N SER B 111 -1.92 -12.58 -20.73
CA SER B 111 -1.09 -11.41 -20.45
C SER B 111 0.04 -11.33 -21.40
N SER B 112 0.23 -10.22 -22.08
CA SER B 112 1.51 -10.13 -22.80
C SER B 112 2.50 -9.36 -21.95
N PHE B 113 3.77 -9.49 -22.26
CA PHE B 113 4.80 -9.01 -21.37
C PHE B 113 6.10 -8.91 -22.16
N TYR B 114 6.54 -7.69 -22.41
CA TYR B 114 7.82 -7.42 -23.08
C TYR B 114 8.14 -5.96 -22.82
N PRO B 115 9.40 -5.56 -23.08
CA PRO B 115 9.87 -4.21 -22.74
C PRO B 115 9.22 -3.17 -23.59
N THR B 116 9.00 -1.97 -23.01
CA THR B 116 8.60 -0.75 -23.72
C THR B 116 9.48 0.36 -23.14
N PRO B 117 10.77 0.41 -23.52
CA PRO B 117 11.70 1.37 -22.85
C PRO B 117 11.29 2.84 -23.01
N LEU B 118 11.47 3.65 -21.95
CA LEU B 118 11.28 5.11 -22.08
C LEU B 118 12.48 5.78 -22.81
N LEU B 119 13.62 5.12 -22.76
CA LEU B 119 14.88 5.66 -23.30
C LEU B 119 15.46 4.80 -24.41
N ARG B 120 15.88 5.40 -25.53
CA ARG B 120 16.63 4.67 -26.59
C ARG B 120 18.09 4.52 -26.19
N ASP B 132 8.00 1.06 -36.20
CA ASP B 132 8.91 1.75 -35.29
C ASP B 132 8.12 2.67 -34.35
N ARG B 133 7.17 3.42 -34.90
CA ARG B 133 6.03 3.90 -34.11
C ARG B 133 4.92 2.86 -34.23
N GLU B 134 5.10 1.93 -35.20
CA GLU B 134 4.31 0.70 -35.34
C GLU B 134 4.46 -0.16 -34.10
N ALA B 135 5.72 -0.40 -33.71
CA ALA B 135 6.06 -1.04 -32.42
C ALA B 135 5.29 -0.37 -31.28
N MET B 136 5.44 0.95 -31.18
CA MET B 136 4.88 1.75 -30.06
C MET B 136 3.36 1.61 -30.01
N GLU B 137 2.70 1.79 -31.16
CA GLU B 137 1.24 1.63 -31.30
C GLU B 137 0.76 0.26 -30.87
N THR B 138 1.37 -0.77 -31.44
CA THR B 138 0.81 -2.06 -31.27
C THR B 138 1.06 -2.57 -29.87
N ALA B 139 2.19 -2.15 -29.26
CA ALA B 139 2.56 -2.45 -27.88
C ALA B 139 1.47 -1.96 -26.94
N THR B 140 1.07 -0.70 -27.05
CA THR B 140 0.05 -0.12 -26.18
C THR B 140 -1.27 -0.88 -26.27
N ALA B 141 -1.76 -1.08 -27.50
CA ALA B 141 -2.99 -1.85 -27.70
C ALA B 141 -2.91 -3.29 -27.17
N ASP B 142 -1.75 -3.94 -27.31
CA ASP B 142 -1.61 -5.35 -26.95
C ASP B 142 -1.37 -5.49 -25.44
N LEU B 143 -0.43 -4.69 -24.93
CA LEU B 143 -0.12 -4.73 -23.49
C LEU B 143 -1.28 -4.32 -22.63
N PHE B 144 -1.95 -3.19 -22.96
CA PHE B 144 -3.17 -2.77 -22.18
C PHE B 144 -4.40 -3.60 -22.39
N GLY B 145 -4.57 -4.03 -23.64
CA GLY B 145 -5.75 -4.84 -23.97
C GLY B 145 -5.75 -6.12 -23.22
N SER B 146 -4.65 -6.90 -23.33
CA SER B 146 -4.64 -8.22 -22.74
C SER B 146 -4.59 -8.13 -21.18
N ASN B 147 -3.85 -7.19 -20.65
CA ASN B 147 -3.72 -7.13 -19.18
C ASN B 147 -4.80 -6.37 -18.47
N ALA B 148 -5.57 -5.55 -19.19
CA ALA B 148 -6.46 -4.61 -18.49
C ALA B 148 -7.82 -4.41 -19.16
N ILE B 149 -7.80 -4.01 -20.43
CA ILE B 149 -9.08 -3.65 -21.08
CA ILE B 149 -9.03 -3.67 -21.17
C ILE B 149 -9.95 -4.89 -21.40
N ALA B 150 -9.30 -5.98 -21.83
CA ALA B 150 -10.08 -7.22 -22.09
C ALA B 150 -10.68 -7.73 -20.78
N PRO B 151 -9.87 -7.79 -19.67
CA PRO B 151 -10.49 -8.16 -18.37
C PRO B 151 -11.65 -7.28 -17.98
N TYR B 152 -11.54 -5.97 -18.22
CA TYR B 152 -12.70 -5.09 -17.99
C TYR B 152 -13.91 -5.57 -18.76
N PHE B 153 -13.75 -5.77 -20.08
CA PHE B 153 -14.88 -6.20 -20.93
C PHE B 153 -15.37 -7.58 -20.56
N LEU B 154 -14.44 -8.45 -20.17
CA LEU B 154 -14.82 -9.79 -19.75
C LEU B 154 -15.65 -9.76 -18.45
N ILE B 155 -15.20 -8.93 -17.50
CA ILE B 155 -15.93 -8.82 -16.29
C ILE B 155 -17.32 -8.22 -16.61
N LYS B 156 -17.34 -7.23 -17.50
CA LYS B 156 -18.60 -6.58 -17.83
C LYS B 156 -19.57 -7.64 -18.39
N ALA B 157 -19.08 -8.47 -19.30
CA ALA B 157 -19.91 -9.48 -19.93
C ALA B 157 -20.34 -10.54 -18.92
N PHE B 158 -19.41 -10.96 -18.05
CA PHE B 158 -19.72 -11.97 -17.01
C PHE B 158 -20.83 -11.47 -16.12
N ALA B 159 -20.75 -10.20 -15.73
CA ALA B 159 -21.69 -9.62 -14.79
C ALA B 159 -23.07 -9.41 -15.44
N HIS B 160 -23.07 -8.95 -16.70
CA HIS B 160 -24.32 -8.71 -17.41
C HIS B 160 -25.12 -10.01 -17.54
N ARG B 161 -24.40 -11.13 -17.62
CA ARG B 161 -25.03 -12.43 -17.75
C ARG B 161 -25.67 -12.85 -16.43
N VAL B 162 -24.92 -12.67 -15.33
CA VAL B 162 -25.41 -13.03 -14.01
C VAL B 162 -26.65 -12.17 -13.71
N ALA B 163 -26.54 -10.84 -13.89
CA ALA B 163 -27.70 -9.96 -13.74
C ALA B 163 -28.86 -10.44 -14.62
N GLY B 164 -28.59 -10.86 -15.86
CA GLY B 164 -29.62 -11.35 -16.78
C GLY B 164 -30.15 -12.75 -16.48
N THR B 165 -29.60 -13.44 -15.48
CA THR B 165 -30.10 -14.77 -15.05
C THR B 165 -31.18 -14.53 -13.99
N PRO B 166 -32.41 -15.11 -14.16
CA PRO B 166 -33.38 -15.05 -13.04
C PRO B 166 -32.73 -15.51 -11.74
N ALA B 167 -32.91 -14.75 -10.67
CA ALA B 167 -32.20 -15.01 -9.41
C ALA B 167 -32.25 -16.48 -8.94
N LYS B 168 -33.44 -17.11 -9.02
CA LYS B 168 -33.68 -18.53 -8.73
C LYS B 168 -32.73 -19.47 -9.44
N HIS B 169 -32.25 -19.07 -10.62
CA HIS B 169 -31.42 -19.90 -11.47
C HIS B 169 -29.91 -19.57 -11.33
N ARG B 170 -29.55 -18.57 -10.52
CA ARG B 170 -28.12 -18.21 -10.32
C ARG B 170 -27.33 -19.25 -9.54
N GLY B 171 -26.05 -19.41 -9.87
CA GLY B 171 -25.16 -20.23 -9.10
C GLY B 171 -24.93 -19.62 -7.71
N THR B 172 -24.34 -20.40 -6.84
CA THR B 172 -24.18 -19.95 -5.44
C THR B 172 -22.71 -19.57 -5.14
N ASN B 173 -21.86 -19.47 -6.14
CA ASN B 173 -20.45 -19.13 -5.86
C ASN B 173 -19.74 -18.52 -7.10
N TYR B 174 -20.10 -17.29 -7.47
CA TYR B 174 -19.46 -16.65 -8.60
C TYR B 174 -18.14 -16.07 -8.14
N SER B 175 -17.12 -16.12 -8.98
CA SER B 175 -15.82 -15.67 -8.53
C SER B 175 -14.98 -15.31 -9.76
N ILE B 176 -14.35 -14.12 -9.73
CA ILE B 176 -13.44 -13.62 -10.79
C ILE B 176 -12.04 -13.46 -10.13
N ILE B 177 -11.05 -14.02 -10.78
CA ILE B 177 -9.66 -13.89 -10.34
C ILE B 177 -8.93 -13.14 -11.44
N ASN B 178 -8.17 -12.17 -11.04
CA ASN B 178 -7.36 -11.41 -11.91
C ASN B 178 -5.94 -11.70 -11.57
N MET B 179 -5.17 -12.17 -12.54
CA MET B 179 -3.75 -12.45 -12.31
C MET B 179 -2.91 -11.18 -12.30
N VAL B 180 -2.57 -10.69 -11.11
CA VAL B 180 -1.76 -9.48 -10.96
C VAL B 180 -0.27 -9.82 -10.84
N ASP B 181 0.55 -8.87 -10.38
CA ASP B 181 1.98 -9.17 -10.25
C ASP B 181 2.42 -8.71 -8.92
N ALA B 182 3.02 -9.62 -8.16
CA ALA B 182 3.44 -9.26 -6.81
C ALA B 182 4.53 -8.14 -6.81
N MET B 183 5.19 -7.92 -7.95
CA MET B 183 6.46 -7.18 -8.00
C MET B 183 6.32 -5.84 -8.74
N THR B 184 5.11 -5.50 -9.16
CA THR B 184 4.95 -4.22 -9.94
C THR B 184 5.13 -2.91 -9.17
N ASN B 185 5.06 -2.93 -7.83
CA ASN B 185 5.52 -1.80 -7.01
C ASN B 185 7.03 -1.61 -6.94
N GLN B 186 7.75 -2.64 -7.38
CA GLN B 186 9.20 -2.56 -7.59
C GLN B 186 9.43 -2.84 -9.09
N PRO B 187 9.27 -1.81 -9.92
CA PRO B 187 9.08 -2.07 -11.34
C PRO B 187 10.28 -2.67 -12.01
N LEU B 188 10.01 -3.52 -13.01
CA LEU B 188 11.04 -4.14 -13.80
C LEU B 188 11.45 -3.01 -14.73
N LEU B 189 12.74 -2.72 -14.78
CA LEU B 189 13.22 -1.63 -15.58
C LEU B 189 12.90 -1.88 -17.04
N GLY B 190 12.31 -0.92 -17.72
CA GLY B 190 12.08 -1.04 -19.14
C GLY B 190 10.69 -1.59 -19.52
N TYR B 191 9.84 -1.91 -18.54
CA TYR B 191 8.54 -2.57 -18.76
C TYR B 191 7.34 -1.67 -18.40
N THR B 192 7.49 -0.38 -18.68
CA THR B 192 6.51 0.63 -18.20
C THR B 192 5.06 0.31 -18.54
N ILE B 193 4.79 -0.01 -19.79
CA ILE B 193 3.42 -0.23 -20.21
CA ILE B 193 3.42 -0.23 -20.21
C ILE B 193 2.79 -1.44 -19.52
N TYR B 194 3.52 -2.54 -19.52
CA TYR B 194 3.15 -3.74 -18.78
C TYR B 194 2.82 -3.40 -17.31
N THR B 195 3.71 -2.63 -16.67
CA THR B 195 3.55 -2.32 -15.20
C THR B 195 2.30 -1.41 -15.09
N MET B 196 2.08 -0.53 -16.08
CA MET B 196 0.89 0.35 -15.95
C MET B 196 -0.38 -0.50 -16.07
N ALA B 197 -0.33 -1.47 -16.96
CA ALA B 197 -1.50 -2.30 -17.28
C ALA B 197 -1.85 -3.13 -16.10
N LYS B 198 -0.84 -3.64 -15.40
CA LYS B 198 -1.07 -4.42 -14.15
C LYS B 198 -1.65 -3.54 -13.01
N GLY B 199 -1.19 -2.30 -12.96
CA GLY B 199 -1.82 -1.31 -12.09
C GLY B 199 -3.30 -1.04 -12.41
N ALA B 200 -3.67 -0.90 -13.68
CA ALA B 200 -5.09 -0.78 -14.05
C ALA B 200 -5.83 -2.01 -13.61
N LEU B 201 -5.20 -3.19 -13.79
CA LEU B 201 -5.87 -4.45 -13.49
C LEU B 201 -6.10 -4.54 -11.96
N GLU B 202 -5.17 -4.06 -11.14
CA GLU B 202 -5.47 -4.01 -9.67
C GLU B 202 -6.65 -3.06 -9.37
N GLY B 203 -6.75 -1.95 -10.12
CA GLY B 203 -7.90 -1.02 -9.88
C GLY B 203 -9.23 -1.67 -10.32
N LEU B 204 -9.15 -2.52 -11.35
CA LEU B 204 -10.35 -3.29 -11.80
C LEU B 204 -10.81 -4.27 -10.71
N THR B 205 -9.86 -4.95 -10.09
CA THR B 205 -10.21 -5.85 -8.97
C THR B 205 -11.07 -5.12 -7.88
N ARG B 206 -10.55 -3.99 -7.40
CA ARG B 206 -11.20 -3.21 -6.36
C ARG B 206 -12.52 -2.59 -6.79
N SER B 207 -12.55 -2.04 -8.00
CA SER B 207 -13.77 -1.42 -8.49
C SER B 207 -14.85 -2.48 -8.79
N ALA B 208 -14.46 -3.53 -9.49
CA ALA B 208 -15.44 -4.59 -9.82
C ALA B 208 -15.91 -5.26 -8.50
N ALA B 209 -14.98 -5.50 -7.55
CA ALA B 209 -15.43 -6.12 -6.26
C ALA B 209 -16.54 -5.30 -5.58
N LEU B 210 -16.37 -3.99 -5.59
CA LEU B 210 -17.28 -3.13 -4.89
C LEU B 210 -18.62 -3.16 -5.58
N GLU B 211 -18.60 -3.03 -6.93
CA GLU B 211 -19.80 -2.85 -7.69
C GLU B 211 -20.57 -4.16 -7.90
N LEU B 212 -19.86 -5.28 -7.91
CA LEU B 212 -20.54 -6.56 -8.15
C LEU B 212 -20.90 -7.29 -6.89
N ALA B 213 -20.49 -6.72 -5.73
CA ALA B 213 -20.86 -7.30 -4.45
C ALA B 213 -22.38 -7.58 -4.33
N PRO B 214 -23.27 -6.62 -4.76
CA PRO B 214 -24.73 -6.92 -4.65
C PRO B 214 -25.15 -8.21 -5.35
N LEU B 215 -24.47 -8.61 -6.43
CA LEU B 215 -24.75 -9.87 -7.09
C LEU B 215 -24.02 -11.03 -6.51
N GLN B 216 -23.32 -10.85 -5.39
CA GLN B 216 -22.48 -11.87 -4.78
C GLN B 216 -21.41 -12.44 -5.72
N ILE B 217 -20.88 -11.58 -6.59
CA ILE B 217 -19.72 -11.92 -7.45
C ILE B 217 -18.45 -11.40 -6.74
N ARG B 218 -17.63 -12.30 -6.22
CA ARG B 218 -16.32 -11.91 -5.62
C ARG B 218 -15.29 -11.66 -6.72
N VAL B 219 -14.39 -10.70 -6.48
CA VAL B 219 -13.35 -10.36 -7.51
C VAL B 219 -12.09 -10.18 -6.71
N ASN B 220 -11.11 -11.04 -6.94
CA ASN B 220 -9.85 -10.98 -6.19
C ASN B 220 -8.67 -11.05 -7.14
N GLY B 221 -7.49 -10.64 -6.64
CA GLY B 221 -6.22 -10.67 -7.40
C GLY B 221 -5.31 -11.79 -6.84
N VAL B 222 -4.55 -12.43 -7.73
CA VAL B 222 -3.41 -13.28 -7.33
C VAL B 222 -2.21 -12.75 -8.07
N GLY B 223 -1.14 -12.45 -7.35
CA GLY B 223 0.04 -11.90 -8.00
C GLY B 223 1.34 -12.67 -7.88
N PRO B 224 1.61 -13.51 -8.88
CA PRO B 224 2.84 -14.33 -8.88
C PRO B 224 4.10 -13.50 -9.09
N GLY B 225 5.13 -13.80 -8.30
CA GLY B 225 6.39 -13.09 -8.40
C GLY B 225 7.25 -13.65 -9.52
N LEU B 226 7.99 -14.71 -9.23
CA LEU B 226 8.83 -15.33 -10.22
C LEU B 226 8.32 -16.75 -10.29
N SER B 227 7.76 -17.12 -11.41
CA SER B 227 7.04 -18.37 -11.51
CA SER B 227 7.06 -18.38 -11.49
C SER B 227 7.37 -18.98 -12.85
N VAL B 228 7.85 -20.25 -12.84
CA VAL B 228 8.28 -21.00 -14.05
CA VAL B 228 8.26 -21.00 -14.08
C VAL B 228 9.11 -20.10 -14.98
N LEU B 229 10.18 -19.52 -14.41
CA LEU B 229 11.08 -18.64 -15.17
C LEU B 229 11.74 -19.37 -16.34
N VAL B 230 11.53 -18.87 -17.56
CA VAL B 230 12.16 -19.44 -18.74
C VAL B 230 13.69 -19.14 -18.68
N ASP B 231 14.46 -20.19 -18.89
CA ASP B 231 15.92 -20.14 -18.95
C ASP B 231 16.31 -19.80 -20.43
N ASP B 232 16.20 -18.53 -20.81
CA ASP B 232 16.57 -18.13 -22.18
C ASP B 232 17.69 -17.08 -22.28
N MET B 233 18.57 -17.07 -21.28
CA MET B 233 19.69 -16.14 -21.21
C MET B 233 20.86 -17.00 -20.67
N PRO B 234 22.06 -16.39 -20.44
CA PRO B 234 23.15 -17.17 -19.80
C PRO B 234 22.71 -17.87 -18.48
N PRO B 235 23.13 -19.15 -18.24
CA PRO B 235 22.57 -19.79 -17.01
C PRO B 235 22.82 -19.02 -15.67
N ALA B 236 23.88 -18.19 -15.61
CA ALA B 236 24.16 -17.33 -14.46
C ALA B 236 23.02 -16.33 -14.22
N VAL B 237 22.34 -15.90 -15.30
CA VAL B 237 21.20 -15.02 -15.18
C VAL B 237 19.95 -15.74 -14.63
N TRP B 238 19.74 -17.01 -15.03
CA TRP B 238 18.57 -17.78 -14.51
C TRP B 238 18.82 -18.08 -13.03
N GLU B 239 20.02 -18.56 -12.74
CA GLU B 239 20.45 -18.87 -11.35
C GLU B 239 20.45 -17.61 -10.47
N GLY B 240 20.93 -16.48 -11.02
CA GLY B 240 20.95 -15.20 -10.29
C GLY B 240 19.53 -14.72 -9.94
N HIS B 241 18.63 -14.67 -10.91
CA HIS B 241 17.21 -14.36 -10.61
C HIS B 241 16.60 -15.17 -9.46
N ARG B 242 16.66 -16.50 -9.55
CA ARG B 242 16.11 -17.45 -8.59
C ARG B 242 16.74 -17.30 -7.21
N SER B 243 18.06 -17.08 -7.21
CA SER B 243 18.77 -16.98 -5.97
C SER B 243 18.29 -15.78 -5.09
N LYS B 244 17.55 -14.83 -5.70
CA LYS B 244 17.12 -13.63 -4.99
C LYS B 244 15.84 -13.85 -4.17
N VAL B 245 15.10 -14.91 -4.49
CA VAL B 245 13.84 -15.23 -3.83
C VAL B 245 14.12 -15.74 -2.40
N PRO B 246 13.65 -15.02 -1.35
CA PRO B 246 14.03 -15.45 -0.01
C PRO B 246 13.63 -16.91 0.36
N LEU B 247 12.42 -17.34 0.04
CA LEU B 247 11.94 -18.64 0.40
C LEU B 247 12.34 -19.63 -0.70
N TYR B 248 13.21 -20.61 -0.37
CA TYR B 248 13.67 -21.63 -1.34
C TYR B 248 14.66 -21.20 -2.44
N GLN B 249 14.87 -19.91 -2.63
CA GLN B 249 15.84 -19.40 -3.60
C GLN B 249 15.52 -20.02 -4.99
N ARG B 250 14.22 -20.17 -5.30
CA ARG B 250 13.76 -20.60 -6.63
C ARG B 250 12.47 -19.91 -7.05
N ASP B 251 12.17 -19.98 -8.34
CA ASP B 251 10.88 -19.51 -8.88
C ASP B 251 9.82 -20.52 -8.42
N SER B 252 8.55 -20.18 -8.55
CA SER B 252 7.51 -21.14 -8.16
C SER B 252 7.24 -22.09 -9.30
N SER B 253 6.58 -23.21 -8.98
CA SER B 253 5.95 -24.09 -9.97
C SER B 253 4.62 -23.41 -10.31
N ALA B 254 4.04 -23.78 -11.44
CA ALA B 254 2.69 -23.34 -11.81
C ALA B 254 1.67 -23.65 -10.71
N ALA B 255 1.77 -24.85 -10.12
CA ALA B 255 0.76 -25.33 -9.13
C ALA B 255 0.73 -24.49 -7.85
N GLU B 256 1.91 -24.01 -7.45
CA GLU B 256 2.12 -23.19 -6.27
C GLU B 256 1.35 -21.84 -6.43
N VAL B 257 1.13 -21.41 -7.66
CA VAL B 257 0.23 -20.30 -7.87
C VAL B 257 -1.22 -20.77 -8.09
N SER B 258 -1.45 -21.72 -8.99
CA SER B 258 -2.83 -22.13 -9.32
C SER B 258 -3.58 -22.71 -8.11
N ASP B 259 -2.91 -23.33 -7.17
CA ASP B 259 -3.66 -23.79 -5.96
C ASP B 259 -4.32 -22.63 -5.16
N VAL B 260 -3.66 -21.46 -5.19
CA VAL B 260 -4.21 -20.24 -4.52
C VAL B 260 -5.46 -19.77 -5.30
N VAL B 261 -5.37 -19.74 -6.63
CA VAL B 261 -6.49 -19.42 -7.47
C VAL B 261 -7.64 -20.36 -7.12
N ILE B 262 -7.33 -21.66 -7.07
CA ILE B 262 -8.39 -22.62 -6.77
C ILE B 262 -9.00 -22.34 -5.43
N PHE B 263 -8.14 -22.05 -4.44
CA PHE B 263 -8.71 -21.81 -3.13
C PHE B 263 -9.67 -20.59 -3.13
N LEU B 264 -9.28 -19.53 -3.82
CA LEU B 264 -10.06 -18.32 -3.77
C LEU B 264 -11.41 -18.51 -4.47
N CYS B 265 -11.49 -19.47 -5.41
CA CYS B 265 -12.78 -19.76 -6.10
C CYS B 265 -13.67 -20.67 -5.31
N SER B 266 -13.12 -21.31 -4.28
CA SER B 266 -13.91 -22.30 -3.50
C SER B 266 -14.90 -21.66 -2.52
N SER B 267 -15.94 -22.42 -2.15
CA SER B 267 -16.92 -21.88 -1.19
C SER B 267 -16.28 -21.42 0.11
N LYS B 268 -15.16 -22.02 0.51
CA LYS B 268 -14.51 -21.58 1.76
C LYS B 268 -13.95 -20.15 1.70
N ALA B 269 -13.73 -19.61 0.50
CA ALA B 269 -13.29 -18.20 0.35
C ALA B 269 -14.45 -17.19 0.17
N LYS B 270 -15.69 -17.57 0.53
CA LYS B 270 -16.85 -16.75 0.13
C LYS B 270 -16.99 -15.36 0.82
N TYR B 271 -16.21 -15.11 1.87
CA TYR B 271 -16.15 -13.77 2.47
C TYR B 271 -15.01 -12.89 1.88
N ILE B 272 -14.22 -13.49 0.98
CA ILE B 272 -13.03 -12.76 0.44
C ILE B 272 -13.39 -12.07 -0.85
N THR B 273 -13.32 -10.74 -0.85
CA THR B 273 -13.49 -10.01 -2.13
C THR B 273 -12.74 -8.71 -2.06
N GLY B 274 -12.30 -8.26 -3.23
CA GLY B 274 -11.57 -7.02 -3.40
C GLY B 274 -10.14 -7.09 -2.96
N THR B 275 -9.62 -8.28 -2.68
CA THR B 275 -8.24 -8.43 -2.20
C THR B 275 -7.23 -8.81 -3.28
N VAL B 277 -3.79 -11.57 -3.29
CA VAL B 277 -2.90 -12.47 -2.55
C VAL B 277 -1.56 -12.56 -3.33
N LYS B 278 -0.44 -12.12 -2.72
CA LYS B 278 0.85 -12.31 -3.38
C LYS B 278 1.33 -13.76 -3.27
N VAL B 279 1.78 -14.37 -4.37
CA VAL B 279 2.38 -15.72 -4.26
C VAL B 279 3.84 -15.61 -4.73
N ASP B 280 4.75 -15.16 -3.87
CA ASP B 280 6.06 -14.69 -4.35
C ASP B 280 7.25 -15.16 -3.54
N GLY B 281 7.06 -16.04 -2.58
CA GLY B 281 8.22 -16.50 -1.79
C GLY B 281 8.95 -15.40 -1.03
N GLY B 282 8.26 -14.28 -0.76
CA GLY B 282 8.87 -13.14 -0.12
C GLY B 282 9.71 -12.25 -1.03
N TYR B 283 9.62 -12.43 -2.35
CA TYR B 283 10.42 -11.58 -3.25
C TYR B 283 10.11 -10.08 -3.10
N SER B 284 8.84 -9.71 -2.89
CA SER B 284 8.50 -8.29 -2.73
C SER B 284 9.06 -7.68 -1.38
N LEU B 285 9.56 -8.51 -0.45
CA LEU B 285 10.20 -8.02 0.80
C LEU B 285 11.63 -7.57 0.59
N THR B 286 12.20 -7.84 -0.59
CA THR B 286 13.59 -7.51 -0.86
C THR B 286 13.84 -6.11 -1.43
N ARG B 287 15.09 -5.67 -1.27
CA ARG B 287 15.54 -4.37 -1.76
C ARG B 287 16.88 -4.59 -2.45
N ALA B 288 17.22 -3.73 -3.39
CA ALA B 288 18.48 -3.86 -4.10
C ALA B 288 19.63 -3.75 -3.10
N THR C 5 3.10 35.62 19.01
CA THR C 5 3.32 35.76 17.55
C THR C 5 4.28 34.69 17.04
N VAL C 6 5.20 34.28 17.91
CA VAL C 6 6.30 33.35 17.57
C VAL C 6 5.84 31.87 17.83
N PRO C 7 5.75 31.05 16.77
CA PRO C 7 5.32 29.67 17.06
C PRO C 7 6.46 28.81 17.59
N VAL C 8 6.12 27.70 18.25
CA VAL C 8 7.09 26.87 18.94
C VAL C 8 7.05 25.47 18.35
N ALA C 9 8.24 24.87 18.15
CA ALA C 9 8.33 23.49 17.70
C ALA C 9 9.06 22.68 18.76
N LEU C 10 8.54 21.49 19.09
CA LEU C 10 9.34 20.54 19.83
C LEU C 10 9.80 19.43 18.93
N VAL C 11 11.12 19.20 18.88
CA VAL C 11 11.76 18.23 18.00
C VAL C 11 12.51 17.27 18.99
N THR C 12 12.11 16.00 19.01
CA THR C 12 12.82 14.96 19.74
C THR C 12 14.08 14.53 19.00
N GLY C 13 15.10 14.11 19.75
CA GLY C 13 16.43 13.73 19.24
C GLY C 13 16.99 14.82 18.39
N ALA C 14 16.94 16.05 18.88
CA ALA C 14 17.25 17.19 18.08
C ALA C 14 18.73 17.49 18.01
N ALA C 15 19.57 16.79 18.74
CA ALA C 15 20.98 17.26 18.86
C ALA C 15 21.86 17.17 17.61
N LYS C 16 21.59 16.15 16.80
CA LYS C 16 22.46 15.90 15.67
CA LYS C 16 22.47 15.71 15.73
C LYS C 16 21.66 15.41 14.45
N ARG C 17 22.35 15.28 13.32
CA ARG C 17 21.84 14.55 12.16
C ARG C 17 20.49 15.15 11.65
N LEU C 18 19.46 14.32 11.47
CA LEU C 18 18.24 14.81 10.91
C LEU C 18 17.49 15.67 11.88
N GLY C 19 17.53 15.30 13.18
CA GLY C 19 16.88 16.12 14.18
C GLY C 19 17.42 17.53 14.23
N ARG C 20 18.74 17.66 14.18
CA ARG C 20 19.32 19.00 14.18
C ARG C 20 18.95 19.76 12.88
N SER C 21 19.08 19.09 11.73
CA SER C 21 18.62 19.71 10.51
C SER C 21 17.15 20.16 10.61
N ILE C 22 16.28 19.31 11.18
CA ILE C 22 14.86 19.69 11.33
C ILE C 22 14.70 20.97 12.21
N ALA C 23 15.41 20.99 13.33
CA ALA C 23 15.25 22.12 14.26
C ALA C 23 15.82 23.39 13.60
N GLU C 24 16.96 23.25 12.91
CA GLU C 24 17.47 24.35 12.13
C GLU C 24 16.48 24.88 11.10
N GLY C 25 15.83 23.95 10.35
CA GLY C 25 14.90 24.34 9.26
C GLY C 25 13.68 25.09 9.80
N LEU C 26 13.18 24.61 10.95
CA LEU C 26 12.03 25.21 11.62
C LEU C 26 12.45 26.59 12.18
N HIS C 27 13.62 26.61 12.84
CA HIS C 27 14.19 27.88 13.30
C HIS C 27 14.29 28.97 12.17
N ALA C 28 14.84 28.57 11.02
CA ALA C 28 14.87 29.41 9.82
C ALA C 28 13.51 29.98 9.37
N GLU C 29 12.42 29.25 9.60
CA GLU C 29 11.09 29.77 9.36
C GLU C 29 10.55 30.66 10.46
N GLY C 30 11.26 30.80 11.60
CA GLY C 30 10.81 31.73 12.60
C GLY C 30 10.29 31.04 13.85
N TYR C 31 10.26 29.70 13.85
CA TYR C 31 9.96 28.99 15.05
C TYR C 31 10.99 29.17 16.20
N ALA C 32 10.49 29.26 17.44
CA ALA C 32 11.34 28.90 18.59
C ALA C 32 11.29 27.35 18.70
N VAL C 33 12.42 26.74 18.98
CA VAL C 33 12.56 25.28 19.05
CA VAL C 33 12.53 25.27 19.04
C VAL C 33 13.00 24.78 20.43
N CYS C 34 12.24 23.81 20.99
CA CYS C 34 12.65 23.09 22.15
C CYS C 34 13.42 21.82 21.64
N LEU C 35 14.70 21.70 22.00
CA LEU C 35 15.62 20.69 21.47
C LEU C 35 15.67 19.58 22.49
N HIS C 36 14.97 18.49 22.21
CA HIS C 36 15.01 17.36 23.14
C HIS C 36 16.30 16.58 22.88
N TYR C 37 16.91 16.01 23.92
CA TYR C 37 18.04 15.13 23.69
C TYR C 37 18.06 14.02 24.74
N HIS C 38 18.85 12.98 24.52
CA HIS C 38 18.99 11.97 25.57
C HIS C 38 20.41 11.94 26.15
N ARG C 39 21.40 11.53 25.37
CA ARG C 39 22.77 11.51 25.83
CA ARG C 39 22.80 11.46 25.78
C ARG C 39 23.59 12.63 25.17
N SER C 40 23.06 13.28 24.15
CA SER C 40 23.89 14.25 23.42
C SER C 40 23.72 15.67 24.00
N ALA C 41 23.96 15.81 25.33
CA ALA C 41 23.84 17.11 26.06
C ALA C 41 24.76 18.17 25.43
N ALA C 42 26.01 17.82 25.16
CA ALA C 42 26.94 18.79 24.61
C ALA C 42 26.51 19.27 23.21
N GLU C 43 26.12 18.33 22.36
CA GLU C 43 25.66 18.67 21.02
C GLU C 43 24.38 19.50 21.02
N ALA C 44 23.45 19.16 21.92
CA ALA C 44 22.18 19.88 22.02
C ALA C 44 22.44 21.34 22.47
N ASN C 45 23.25 21.49 23.50
CA ASN C 45 23.57 22.79 24.03
C ASN C 45 24.32 23.65 23.06
N ALA C 46 25.22 23.08 22.27
CA ALA C 46 25.94 23.83 21.22
C ALA C 46 24.94 24.34 20.17
N LEU C 47 24.00 23.47 19.83
CA LEU C 47 22.99 23.86 18.85
C LEU C 47 22.11 25.03 19.34
N SER C 48 21.60 24.91 20.57
CA SER C 48 20.82 25.94 21.24
C SER C 48 21.63 27.27 21.32
N ALA C 49 22.92 27.20 21.64
CA ALA C 49 23.79 28.40 21.65
C ALA C 49 23.77 29.14 20.30
N THR C 50 23.96 28.36 19.22
CA THR C 50 23.97 28.90 17.87
C THR C 50 22.66 29.60 17.55
N LEU C 51 21.56 28.88 17.81
CA LEU C 51 20.25 29.41 17.49
C LEU C 51 19.93 30.61 18.36
N ASN C 52 20.27 30.54 19.66
CA ASN C 52 20.06 31.71 20.53
C ASN C 52 20.87 32.94 20.15
N ALA C 53 22.05 32.72 19.61
CA ALA C 53 22.91 33.82 19.21
C ALA C 53 22.29 34.44 17.99
N ARG C 54 21.78 33.62 17.06
CA ARG C 54 21.06 34.12 15.88
C ARG C 54 19.80 34.94 16.23
N ARG C 55 18.99 34.43 17.16
CA ARG C 55 17.73 35.05 17.54
CA ARG C 55 17.74 35.08 17.55
C ARG C 55 17.55 34.78 19.03
N PRO C 56 17.60 35.86 19.90
CA PRO C 56 17.62 35.60 21.36
C PRO C 56 16.39 34.89 21.82
N ASN C 57 16.48 34.01 22.80
CA ASN C 57 15.31 33.26 23.31
C ASN C 57 14.50 32.45 22.29
N SER C 58 15.20 31.93 21.30
CA SER C 58 14.63 31.09 20.23
C SER C 58 14.91 29.55 20.38
N ALA C 59 15.59 29.14 21.45
CA ALA C 59 15.94 27.73 21.69
C ALA C 59 16.14 27.39 23.15
N ILE C 60 15.61 26.24 23.55
CA ILE C 60 15.90 25.66 24.85
C ILE C 60 16.25 24.21 24.58
N THR C 61 16.79 23.50 25.58
CA THR C 61 17.04 22.07 25.49
C THR C 61 16.45 21.36 26.70
N VAL C 62 15.98 20.13 26.51
CA VAL C 62 15.35 19.36 27.56
C VAL C 62 15.79 17.89 27.37
N GLN C 63 16.12 17.22 28.49
CA GLN C 63 16.69 15.89 28.47
C GLN C 63 15.58 14.93 28.80
N ALA C 64 15.49 13.81 28.08
CA ALA C 64 14.59 12.72 28.48
C ALA C 64 14.95 11.42 27.79
N ASP C 65 14.78 10.33 28.54
CA ASP C 65 14.98 8.98 28.05
C ASP C 65 13.59 8.49 27.62
N LEU C 66 13.39 8.39 26.32
CA LEU C 66 12.10 8.01 25.72
C LEU C 66 11.96 6.48 25.63
N SER C 67 12.88 5.71 26.25
CA SER C 67 12.64 4.28 26.41
CA SER C 67 12.67 4.26 26.43
C SER C 67 11.43 4.09 27.31
N ASN C 68 10.67 3.03 27.07
CA ASN C 68 9.53 2.67 27.87
C ASN C 68 9.96 2.05 29.20
N VAL C 69 10.63 2.84 30.05
CA VAL C 69 11.05 2.40 31.41
C VAL C 69 10.68 3.49 32.42
N ALA C 70 10.75 3.15 33.69
CA ALA C 70 10.63 4.15 34.76
C ALA C 70 11.99 4.73 34.93
N THR C 71 12.06 5.96 35.35
CA THR C 71 13.35 6.52 35.68
C THR C 71 13.28 7.10 37.11
N ALA C 72 14.46 7.35 37.66
CA ALA C 72 14.63 7.87 39.03
C ALA C 72 14.04 9.30 39.18
N PRO C 73 13.28 9.56 40.28
CA PRO C 73 12.95 10.93 40.69
C PRO C 73 14.16 11.69 41.25
N SER C 80 8.68 11.55 44.77
CA SER C 80 8.00 10.32 45.20
C SER C 80 8.43 9.00 44.45
N ALA C 81 7.43 8.33 43.82
CA ALA C 81 7.57 7.12 43.01
C ALA C 81 8.56 7.28 41.81
N PRO C 82 8.95 6.15 41.17
CA PRO C 82 9.73 6.43 39.96
C PRO C 82 8.89 7.12 38.84
N VAL C 83 9.57 7.73 37.87
CA VAL C 83 8.85 8.57 36.88
C VAL C 83 8.65 7.75 35.59
N THR C 84 7.41 7.65 35.15
CA THR C 84 7.11 6.82 33.97
C THR C 84 7.35 7.58 32.65
N LEU C 85 7.54 6.82 31.57
CA LEU C 85 7.61 7.37 30.21
C LEU C 85 6.50 8.41 30.00
N PHE C 86 5.27 8.05 30.34
CA PHE C 86 4.14 9.01 30.16
C PHE C 86 4.42 10.41 30.78
N THR C 87 4.96 10.40 32.01
CA THR C 87 5.18 11.67 32.71
C THR C 87 6.28 12.44 32.03
N ARG C 88 7.34 11.73 31.59
CA ARG C 88 8.47 12.41 31.00
C ARG C 88 8.03 13.03 29.68
N CYS C 89 7.14 12.34 28.97
CA CYS C 89 6.62 12.84 27.70
C CYS C 89 5.78 14.07 27.95
N ALA C 90 4.80 13.98 28.87
CA ALA C 90 4.02 15.19 29.23
C ALA C 90 4.88 16.43 29.61
N GLU C 91 5.96 16.16 30.33
CA GLU C 91 6.88 17.19 30.81
C GLU C 91 7.60 17.87 29.68
N LEU C 92 7.90 17.15 28.60
CA LEU C 92 8.53 17.77 27.41
C LEU C 92 7.59 18.77 26.77
N VAL C 93 6.32 18.41 26.60
CA VAL C 93 5.36 19.29 25.99
C VAL C 93 5.15 20.51 26.92
N ALA C 94 5.14 20.24 28.25
CA ALA C 94 4.94 21.27 29.28
C ALA C 94 6.03 22.32 29.28
N ALA C 95 7.25 21.88 28.98
CA ALA C 95 8.41 22.74 28.90
C ALA C 95 8.23 23.86 27.90
N CYS C 96 7.60 23.57 26.74
CA CYS C 96 7.32 24.56 25.72
C CYS C 96 6.24 25.54 26.22
N TYR C 97 5.21 24.99 26.85
CA TYR C 97 4.14 25.86 27.38
C TYR C 97 4.66 26.78 28.49
N THR C 98 5.47 26.20 29.39
CA THR C 98 6.12 26.96 30.43
C THR C 98 7.01 28.06 29.89
N HIS C 99 7.84 27.77 28.90
CA HIS C 99 8.83 28.73 28.53
C HIS C 99 8.22 29.77 27.59
N TRP C 100 7.32 29.37 26.70
CA TRP C 100 6.92 30.25 25.61
C TRP C 100 5.39 30.34 25.52
N GLY C 101 4.67 29.60 26.35
CA GLY C 101 3.19 29.76 26.33
C GLY C 101 2.52 29.03 25.17
N ARG C 102 3.28 28.22 24.41
CA ARG C 102 2.61 27.49 23.29
C ARG C 102 3.43 26.34 22.77
N CYS C 103 2.79 25.44 22.03
CA CYS C 103 3.51 24.39 21.31
C CYS C 103 2.72 24.08 20.01
N ASP C 104 3.25 24.56 18.90
CA ASP C 104 2.56 24.50 17.61
C ASP C 104 2.89 23.25 16.80
N VAL C 105 4.14 22.79 16.88
CA VAL C 105 4.61 21.72 16.04
C VAL C 105 5.28 20.70 16.98
N LEU C 106 5.06 19.40 16.72
CA LEU C 106 5.82 18.35 17.38
C LEU C 106 6.44 17.45 16.29
N VAL C 107 7.76 17.20 16.36
CA VAL C 107 8.40 16.30 15.38
C VAL C 107 8.95 15.17 16.20
N ASN C 108 8.31 14.02 16.08
CA ASN C 108 8.77 12.74 16.65
C ASN C 108 9.86 12.08 15.80
N ASN C 109 11.08 12.49 16.13
CA ASN C 109 12.30 12.13 15.41
C ASN C 109 13.22 11.17 16.14
N ALA C 110 13.23 11.22 17.46
CA ALA C 110 14.08 10.33 18.25
C ALA C 110 13.81 8.88 17.85
N SER C 111 14.85 8.16 17.45
CA SER C 111 14.68 6.77 17.04
C SER C 111 15.91 5.90 17.26
N SER C 112 15.84 5.06 18.28
CA SER C 112 16.94 4.11 18.61
C SER C 112 16.81 2.97 17.63
N PHE C 113 17.93 2.42 17.06
CA PHE C 113 18.06 1.63 15.88
C PHE C 113 19.24 0.68 16.14
N TYR C 114 18.96 -0.62 16.38
CA TYR C 114 20.02 -1.69 16.38
C TYR C 114 19.35 -3.08 16.19
N PRO C 115 20.15 -4.13 15.83
CA PRO C 115 19.62 -5.45 15.51
C PRO C 115 18.93 -6.09 16.68
N THR C 116 17.85 -6.82 16.39
CA THR C 116 17.20 -7.73 17.31
C THR C 116 16.93 -9.04 16.52
N PRO C 117 17.96 -9.87 16.28
CA PRO C 117 17.80 -11.06 15.41
C PRO C 117 16.85 -12.10 15.97
N LEU C 118 16.10 -12.76 15.09
CA LEU C 118 15.20 -13.80 15.53
C LEU C 118 15.95 -15.16 15.67
N LEU C 119 17.15 -15.21 15.07
CA LEU C 119 17.90 -16.45 14.91
C LEU C 119 19.26 -16.21 15.52
N ARG C 120 19.61 -17.07 16.50
CA ARG C 120 20.90 -17.00 17.26
C ARG C 120 22.05 -17.72 16.52
N ARG C 133 16.85 -13.17 29.22
CA ARG C 133 17.62 -12.21 28.45
C ARG C 133 17.54 -10.79 29.02
N GLU C 134 18.63 -10.25 29.50
CA GLU C 134 18.55 -8.91 30.02
C GLU C 134 18.44 -8.03 28.79
N ALA C 135 19.20 -8.40 27.78
CA ALA C 135 19.29 -7.69 26.50
C ALA C 135 18.01 -7.48 25.71
N MET C 136 17.12 -8.46 25.69
CA MET C 136 15.82 -8.34 25.03
C MET C 136 14.68 -7.57 25.78
N GLU C 137 14.65 -7.59 27.11
CA GLU C 137 13.76 -6.71 27.82
C GLU C 137 14.15 -5.21 27.51
N THR C 138 15.47 -4.94 27.55
CA THR C 138 16.06 -3.61 27.27
C THR C 138 15.72 -3.12 25.86
N ALA C 139 15.90 -4.00 24.85
CA ALA C 139 15.73 -3.70 23.43
C ALA C 139 14.28 -3.40 23.14
N THR C 140 13.38 -4.20 23.72
CA THR C 140 11.97 -4.00 23.58
C THR C 140 11.52 -2.64 24.12
N ALA C 141 11.95 -2.30 25.33
CA ALA C 141 11.60 -1.06 25.97
C ALA C 141 12.18 0.15 25.18
N ASP C 142 13.37 -0.01 24.65
CA ASP C 142 14.10 1.10 24.07
C ASP C 142 13.62 1.35 22.63
N LEU C 143 13.46 0.27 21.89
CA LEU C 143 13.01 0.37 20.50
C LEU C 143 11.50 0.64 20.44
N PHE C 144 10.73 -0.14 21.17
CA PHE C 144 9.28 0.01 21.20
C PHE C 144 8.88 1.31 21.88
N GLY C 145 9.83 1.92 22.59
CA GLY C 145 9.58 3.17 23.30
C GLY C 145 9.82 4.38 22.43
N SER C 146 11.10 4.64 22.14
CA SER C 146 11.56 5.81 21.37
CA SER C 146 11.53 5.81 21.40
C SER C 146 10.78 5.97 20.09
N ASN C 147 10.54 4.84 19.42
CA ASN C 147 9.97 4.85 18.09
C ASN C 147 8.48 4.87 18.03
N ALA C 148 7.80 4.44 19.10
CA ALA C 148 6.36 4.26 18.97
C ALA C 148 5.61 4.70 20.21
N ILE C 149 5.99 4.20 21.38
CA ILE C 149 5.21 4.53 22.61
C ILE C 149 5.34 6.00 23.07
N ALA C 150 6.56 6.53 23.00
CA ALA C 150 6.82 7.93 23.41
C ALA C 150 6.09 8.84 22.42
N PRO C 151 6.25 8.60 21.11
CA PRO C 151 5.39 9.37 20.16
C PRO C 151 3.88 9.40 20.49
N TYR C 152 3.34 8.27 20.94
CA TYR C 152 1.94 8.21 21.28
C TYR C 152 1.68 9.17 22.47
N PHE C 153 2.44 9.05 23.56
CA PHE C 153 2.20 9.90 24.74
C PHE C 153 2.47 11.39 24.46
N LEU C 154 3.46 11.66 23.61
CA LEU C 154 3.76 13.02 23.17
C LEU C 154 2.64 13.63 22.42
N ILE C 155 2.12 12.90 21.45
CA ILE C 155 0.94 13.37 20.71
C ILE C 155 -0.26 13.60 21.68
N LYS C 156 -0.47 12.67 22.61
CA LYS C 156 -1.62 12.78 23.54
C LYS C 156 -1.47 14.06 24.40
N ALA C 157 -0.25 14.32 24.91
CA ALA C 157 0.03 15.53 25.70
C ALA C 157 -0.09 16.82 24.86
N PHE C 158 0.51 16.79 23.68
CA PHE C 158 0.28 17.86 22.66
C PHE C 158 -1.22 18.19 22.48
N ALA C 159 -2.03 17.15 22.21
CA ALA C 159 -3.41 17.31 21.95
C ALA C 159 -4.24 17.83 23.15
N HIS C 160 -4.01 17.25 24.34
CA HIS C 160 -4.58 17.71 25.63
CA HIS C 160 -4.63 17.71 25.57
C HIS C 160 -4.40 19.22 25.74
N ARG C 161 -3.18 19.69 25.49
CA ARG C 161 -2.85 21.10 25.64
C ARG C 161 -3.70 21.96 24.73
N VAL C 162 -3.68 21.64 23.44
CA VAL C 162 -4.47 22.39 22.47
C VAL C 162 -5.92 22.40 22.92
N ALA C 163 -6.44 21.22 23.29
CA ALA C 163 -7.84 21.07 23.63
C ALA C 163 -8.17 21.90 24.84
N GLY C 164 -7.21 21.99 25.76
CA GLY C 164 -7.37 22.83 26.94
C GLY C 164 -7.13 24.33 26.77
N THR C 165 -6.73 24.75 25.56
CA THR C 165 -6.51 26.16 25.23
C THR C 165 -7.84 26.71 24.71
N PRO C 166 -8.30 27.87 25.25
CA PRO C 166 -9.55 28.47 24.73
C PRO C 166 -9.44 28.65 23.23
N ALA C 167 -10.52 28.29 22.51
CA ALA C 167 -10.50 28.23 21.06
C ALA C 167 -10.01 29.54 20.52
N LYS C 168 -10.46 30.64 21.08
CA LYS C 168 -10.03 31.95 20.62
C LYS C 168 -8.51 32.13 20.73
N HIS C 169 -7.85 31.43 21.63
CA HIS C 169 -6.39 31.65 21.82
C HIS C 169 -5.51 30.57 21.11
N ARG C 170 -6.12 29.64 20.39
CA ARG C 170 -5.36 28.54 19.78
C ARG C 170 -4.53 29.10 18.63
N GLY C 171 -3.38 28.48 18.33
CA GLY C 171 -2.62 28.82 17.11
C GLY C 171 -3.42 28.39 15.87
N THR C 172 -2.93 28.79 14.71
CA THR C 172 -3.70 28.56 13.54
C THR C 172 -3.03 27.48 12.67
N ASN C 173 -1.96 26.82 13.17
CA ASN C 173 -1.27 25.87 12.30
C ASN C 173 -0.59 24.74 13.05
N TYR C 174 -1.38 23.86 13.67
CA TYR C 174 -0.84 22.76 14.48
C TYR C 174 -0.47 21.60 13.57
N SER C 175 0.76 21.12 13.71
CA SER C 175 1.26 20.06 12.81
C SER C 175 2.12 19.09 13.61
N ILE C 176 1.86 17.78 13.51
CA ILE C 176 2.72 16.77 14.12
C ILE C 176 3.38 15.97 12.99
N ILE C 177 4.69 15.80 13.07
CA ILE C 177 5.38 15.00 12.10
C ILE C 177 6.04 13.77 12.76
N ASN C 178 5.75 12.58 12.26
CA ASN C 178 6.37 11.35 12.71
C ASN C 178 7.44 10.95 11.70
N MET C 179 8.63 10.90 12.18
CA MET C 179 9.68 10.36 11.31
C MET C 179 9.57 8.82 11.22
N VAL C 180 9.31 8.26 10.00
CA VAL C 180 9.13 6.80 9.91
C VAL C 180 10.23 6.41 8.91
N ASP C 181 10.05 5.38 8.11
CA ASP C 181 11.12 4.75 7.33
C ASP C 181 10.55 4.37 5.96
N ALA C 182 11.08 4.95 4.89
CA ALA C 182 10.63 4.56 3.55
C ALA C 182 10.79 3.02 3.25
N MET C 183 11.69 2.33 3.97
CA MET C 183 12.12 0.99 3.53
C MET C 183 11.62 -0.15 4.38
N THR C 184 10.84 0.15 5.41
CA THR C 184 10.44 -0.93 6.34
C THR C 184 9.41 -1.97 5.77
N ASN C 185 8.71 -1.64 4.67
CA ASN C 185 8.08 -2.70 3.86
C ASN C 185 9.02 -3.67 3.16
N GLN C 186 10.29 -3.33 3.12
CA GLN C 186 11.37 -4.21 2.64
C GLN C 186 12.37 -4.37 3.79
N PRO C 187 11.99 -5.14 4.83
CA PRO C 187 12.72 -5.03 6.11
C PRO C 187 14.21 -5.28 6.01
N LEU C 188 14.97 -4.56 6.83
CA LEU C 188 16.39 -4.81 6.98
C LEU C 188 16.55 -6.08 7.84
N LEU C 189 17.31 -7.05 7.33
CA LEU C 189 17.43 -8.40 7.91
C LEU C 189 17.95 -8.24 9.33
N GLY C 190 17.23 -8.76 10.34
CA GLY C 190 17.71 -8.72 11.73
C GLY C 190 17.23 -7.53 12.57
N TYR C 191 16.37 -6.65 12.01
CA TYR C 191 15.90 -5.52 12.74
C TYR C 191 14.41 -5.57 13.13
N THR C 192 13.94 -6.76 13.53
CA THR C 192 12.51 -6.93 13.70
C THR C 192 11.79 -5.92 14.60
N ILE C 193 12.36 -5.70 15.78
CA ILE C 193 11.65 -4.84 16.74
C ILE C 193 11.59 -3.39 16.27
N TYR C 194 12.70 -2.88 15.74
CA TYR C 194 12.74 -1.56 15.14
C TYR C 194 11.72 -1.43 13.98
N THR C 195 11.66 -2.45 13.11
CA THR C 195 10.72 -2.48 11.97
C THR C 195 9.25 -2.51 12.47
N MET C 196 9.01 -3.28 13.53
CA MET C 196 7.66 -3.30 14.16
C MET C 196 7.32 -1.95 14.71
N ALA C 197 8.33 -1.29 15.29
CA ALA C 197 8.06 -0.05 16.01
C ALA C 197 7.76 1.02 14.95
N LYS C 198 8.47 1.03 13.83
CA LYS C 198 8.09 1.97 12.79
C LYS C 198 6.68 1.69 12.21
N GLY C 199 6.28 0.41 12.17
CA GLY C 199 4.92 0.02 11.75
C GLY C 199 3.86 0.59 12.69
N ALA C 200 4.10 0.50 13.99
CA ALA C 200 3.23 1.08 15.00
C ALA C 200 3.16 2.61 14.82
N LEU C 201 4.30 3.23 14.51
CA LEU C 201 4.40 4.67 14.37
C LEU C 201 3.56 5.11 13.12
N GLU C 202 3.58 4.33 12.04
CA GLU C 202 2.69 4.58 10.90
C GLU C 202 1.23 4.50 11.26
N GLY C 203 0.85 3.52 12.09
CA GLY C 203 -0.52 3.42 12.61
C GLY C 203 -0.92 4.62 13.44
N LEU C 204 0.02 5.12 14.28
CA LEU C 204 -0.23 6.33 15.12
C LEU C 204 -0.53 7.55 14.23
N THR C 205 0.23 7.71 13.14
CA THR C 205 0.01 8.79 12.19
C THR C 205 -1.46 8.80 11.63
N ARG C 206 -1.93 7.65 11.18
CA ARG C 206 -3.27 7.52 10.63
C ARG C 206 -4.39 7.59 11.67
N SER C 207 -4.13 7.13 12.88
CA SER C 207 -5.16 7.16 13.89
C SER C 207 -5.27 8.56 14.48
N ALA C 208 -4.12 9.18 14.72
CA ALA C 208 -4.09 10.52 15.33
C ALA C 208 -4.55 11.57 14.30
N ALA C 209 -4.22 11.37 13.04
CA ALA C 209 -4.72 12.27 12.02
C ALA C 209 -6.24 12.28 12.04
N LEU C 210 -6.84 11.12 12.17
CA LEU C 210 -8.32 11.05 12.11
C LEU C 210 -8.93 11.69 13.39
N GLU C 211 -8.44 11.29 14.55
CA GLU C 211 -9.00 11.75 15.79
C GLU C 211 -8.72 13.22 16.13
N LEU C 212 -7.62 13.78 15.63
CA LEU C 212 -7.25 15.15 15.99
C LEU C 212 -7.68 16.15 14.93
N ALA C 213 -8.23 15.65 13.83
CA ALA C 213 -8.73 16.50 12.75
C ALA C 213 -9.72 17.54 13.26
N PRO C 214 -10.65 17.20 14.23
CA PRO C 214 -11.57 18.29 14.71
C PRO C 214 -10.84 19.44 15.42
N LEU C 215 -9.64 19.22 15.96
CA LEU C 215 -8.92 20.32 16.55
C LEU C 215 -8.00 20.98 15.55
N GLN C 216 -8.11 20.59 14.26
CA GLN C 216 -7.24 21.09 13.17
C GLN C 216 -5.75 20.82 13.43
N ILE C 217 -5.47 19.65 14.01
CA ILE C 217 -4.07 19.25 14.26
C ILE C 217 -3.77 18.23 13.19
N ARG C 218 -2.80 18.55 12.34
CA ARG C 218 -2.48 17.68 11.22
C ARG C 218 -1.39 16.69 11.68
N VAL C 219 -1.43 15.46 11.15
CA VAL C 219 -0.45 14.41 11.53
C VAL C 219 -0.02 13.69 10.26
N ASN C 220 1.29 13.81 9.96
CA ASN C 220 1.89 13.20 8.81
C ASN C 220 3.22 12.55 9.15
N GLY C 221 3.66 11.64 8.26
CA GLY C 221 4.90 10.90 8.33
C GLY C 221 5.87 11.41 7.27
N VAL C 222 7.15 11.41 7.61
CA VAL C 222 8.23 11.55 6.62
C VAL C 222 9.11 10.33 6.80
N GLY C 223 9.33 9.55 5.72
CA GLY C 223 10.19 8.34 5.76
C GLY C 223 11.46 8.50 4.92
N PRO C 224 12.63 8.75 5.56
CA PRO C 224 13.91 8.70 4.82
C PRO C 224 14.18 7.24 4.40
N GLY C 225 14.95 7.10 3.33
CA GLY C 225 15.52 5.83 2.97
C GLY C 225 16.88 5.63 3.62
N LEU C 226 17.93 6.10 2.95
CA LEU C 226 19.26 6.17 3.48
C LEU C 226 19.60 7.67 3.56
N SER C 227 19.93 8.12 4.78
CA SER C 227 20.26 9.52 5.02
CA SER C 227 20.28 9.53 4.98
C SER C 227 21.50 9.66 5.89
N VAL C 228 22.43 10.50 5.44
CA VAL C 228 23.68 10.83 6.20
C VAL C 228 24.28 9.56 6.78
N LEU C 229 24.59 8.60 5.93
CA LEU C 229 25.24 7.35 6.40
C LEU C 229 26.66 7.57 6.98
N VAL C 230 26.94 6.87 8.08
CA VAL C 230 28.22 6.93 8.83
C VAL C 230 28.98 5.61 8.74
N GLY C 240 27.99 1.21 0.90
CA GLY C 240 27.81 -0.04 0.18
C GLY C 240 26.43 -0.10 -0.52
N HIS C 241 25.36 -0.21 0.28
CA HIS C 241 23.97 -0.04 -0.19
C HIS C 241 23.67 1.36 -0.82
N ARG C 242 24.50 2.32 -0.46
CA ARG C 242 24.46 3.68 -0.96
C ARG C 242 24.47 3.72 -2.51
N SER C 243 25.26 2.84 -3.11
CA SER C 243 25.36 2.74 -4.56
C SER C 243 24.02 2.27 -5.21
N LYS C 244 23.12 1.73 -4.39
CA LYS C 244 21.90 1.06 -4.88
C LYS C 244 20.68 2.00 -5.03
N VAL C 245 20.83 3.22 -4.55
CA VAL C 245 19.75 4.22 -4.61
C VAL C 245 19.64 4.73 -6.06
N PRO C 246 18.52 4.46 -6.73
CA PRO C 246 18.33 4.84 -8.13
C PRO C 246 18.69 6.27 -8.49
N LEU C 247 18.28 7.22 -7.65
CA LEU C 247 18.53 8.62 -7.87
C LEU C 247 19.82 9.04 -7.20
N TYR C 248 20.81 9.40 -8.04
CA TYR C 248 22.14 9.93 -7.56
C TYR C 248 23.07 8.89 -7.00
N GLN C 249 22.55 7.68 -6.73
CA GLN C 249 23.37 6.60 -6.19
C GLN C 249 24.11 7.08 -4.94
N ARG C 250 23.41 7.68 -4.01
CA ARG C 250 23.94 8.09 -2.73
C ARG C 250 22.82 8.25 -1.71
N ASP C 251 23.16 8.22 -0.44
CA ASP C 251 22.27 8.62 0.62
C ASP C 251 21.97 10.13 0.58
N SER C 252 20.91 10.55 1.27
CA SER C 252 20.49 11.92 1.22
C SER C 252 21.34 12.74 2.20
N SER C 253 21.38 14.05 1.98
CA SER C 253 21.87 14.97 2.99
C SER C 253 20.72 15.10 4.04
N ALA C 254 21.02 15.70 5.20
CA ALA C 254 20.02 15.98 6.19
C ALA C 254 18.96 16.94 5.69
N ALA C 255 19.33 17.98 4.94
CA ALA C 255 18.35 19.01 4.46
C ALA C 255 17.40 18.43 3.43
N GLU C 256 17.90 17.46 2.64
CA GLU C 256 17.03 16.77 1.66
C GLU C 256 15.88 16.05 2.34
N VAL C 257 16.06 15.70 3.60
CA VAL C 257 14.92 15.21 4.42
C VAL C 257 14.19 16.37 5.18
N SER C 258 14.95 17.21 5.87
CA SER C 258 14.30 18.17 6.77
C SER C 258 13.49 19.24 6.03
N ASP C 259 13.90 19.60 4.81
CA ASP C 259 13.11 20.56 4.01
C ASP C 259 11.70 20.04 3.81
N VAL C 260 11.56 18.73 3.71
CA VAL C 260 10.24 18.14 3.49
C VAL C 260 9.36 18.30 4.74
N VAL C 261 9.98 17.98 5.90
CA VAL C 261 9.36 18.22 7.18
C VAL C 261 8.85 19.68 7.30
N ILE C 262 9.70 20.62 6.94
CA ILE C 262 9.39 22.04 7.11
C ILE C 262 8.25 22.36 6.17
N PHE C 263 8.29 21.80 4.93
CA PHE C 263 7.15 22.05 4.02
C PHE C 263 5.84 21.53 4.68
N LEU C 264 5.89 20.35 5.27
CA LEU C 264 4.60 19.76 5.76
C LEU C 264 4.08 20.52 6.94
N CYS C 265 4.98 21.20 7.65
CA CYS C 265 4.53 22.07 8.78
C CYS C 265 4.07 23.46 8.34
N SER C 266 4.34 23.87 7.10
CA SER C 266 3.94 25.18 6.61
C SER C 266 2.44 25.24 6.32
N SER C 267 1.90 26.46 6.30
CA SER C 267 0.51 26.68 6.02
C SER C 267 0.11 26.25 4.61
N LYS C 268 1.06 26.25 3.67
CA LYS C 268 0.79 25.74 2.33
C LYS C 268 0.37 24.25 2.38
N ALA C 269 0.79 23.52 3.42
CA ALA C 269 0.44 22.07 3.53
C ALA C 269 -0.83 21.80 4.37
N LYS C 270 -1.66 22.83 4.60
CA LYS C 270 -2.77 22.71 5.59
C LYS C 270 -3.92 21.74 5.25
N TYR C 271 -4.00 21.23 4.00
CA TYR C 271 -5.02 20.25 3.69
C TYR C 271 -4.44 18.81 3.75
N ILE C 272 -3.15 18.68 4.05
CA ILE C 272 -2.46 17.39 4.10
C ILE C 272 -2.49 16.85 5.54
N THR C 273 -3.14 15.70 5.75
CA THR C 273 -3.04 15.00 7.04
C THR C 273 -3.18 13.47 6.81
N GLY C 274 -2.56 12.68 7.69
CA GLY C 274 -2.75 11.23 7.76
C GLY C 274 -1.93 10.55 6.70
N THR C 275 -0.92 11.18 6.23
CA THR C 275 -0.23 10.61 5.10
C THR C 275 1.29 10.60 5.31
N VAL C 277 5.22 10.79 3.51
CA VAL C 277 6.00 11.18 2.33
C VAL C 277 7.35 10.46 2.42
N LYS C 278 7.69 9.64 1.42
CA LYS C 278 8.99 8.93 1.36
C LYS C 278 10.01 9.87 0.81
N VAL C 279 11.19 9.88 1.38
CA VAL C 279 12.23 10.70 0.81
C VAL C 279 13.43 9.79 0.71
N ASP C 280 13.48 9.00 -0.35
CA ASP C 280 14.37 7.84 -0.43
C ASP C 280 15.05 7.72 -1.77
N GLY C 281 14.90 8.72 -2.63
CA GLY C 281 15.54 8.71 -3.97
C GLY C 281 15.19 7.47 -4.79
N GLY C 282 13.98 6.96 -4.61
CA GLY C 282 13.57 5.75 -5.34
C GLY C 282 14.02 4.40 -4.76
N TYR C 283 14.66 4.41 -3.59
CA TYR C 283 15.15 3.12 -3.05
C TYR C 283 14.07 2.06 -2.79
N SER C 284 12.88 2.45 -2.32
CA SER C 284 11.79 1.46 -2.15
C SER C 284 11.27 0.88 -3.47
N LEU C 285 11.69 1.42 -4.62
CA LEU C 285 11.29 0.91 -5.88
C LEU C 285 12.13 -0.31 -6.32
N THR C 286 13.22 -0.59 -5.60
CA THR C 286 14.19 -1.57 -6.07
C THR C 286 13.82 -2.93 -5.52
N ARG C 287 14.19 -3.96 -6.24
CA ARG C 287 14.01 -5.38 -5.81
C ARG C 287 15.40 -6.01 -5.87
N ALA C 288 15.67 -7.07 -5.09
CA ALA C 288 16.98 -7.73 -5.18
C ALA C 288 17.16 -8.38 -6.56
N THR D 5 3.01 -39.17 10.53
CA THR D 5 3.27 -38.60 11.92
C THR D 5 2.53 -37.26 12.06
N VAL D 6 2.27 -36.80 13.29
CA VAL D 6 1.16 -35.85 13.56
C VAL D 6 1.67 -34.40 13.84
N PRO D 7 1.34 -33.44 12.98
CA PRO D 7 1.87 -32.07 13.27
C PRO D 7 1.07 -31.38 14.40
N VAL D 8 1.69 -30.37 15.00
CA VAL D 8 1.18 -29.67 16.18
C VAL D 8 0.98 -28.16 15.83
N ALA D 9 -0.16 -27.59 16.23
CA ALA D 9 -0.38 -26.15 16.12
C ALA D 9 -0.54 -25.55 17.52
N LEU D 10 0.05 -24.36 17.71
CA LEU D 10 -0.11 -23.56 18.91
C LEU D 10 -1.03 -22.41 18.44
N VAL D 11 -2.15 -22.21 19.13
CA VAL D 11 -3.15 -21.20 18.74
C VAL D 11 -3.36 -20.37 19.98
N THR D 12 -3.05 -19.06 19.92
CA THR D 12 -3.32 -18.19 21.05
C THR D 12 -4.77 -17.73 21.10
N GLY D 13 -5.30 -17.55 22.29
CA GLY D 13 -6.67 -17.04 22.43
C GLY D 13 -7.61 -17.99 21.73
N ALA D 14 -7.34 -19.31 21.91
CA ALA D 14 -8.06 -20.40 21.23
C ALA D 14 -9.43 -20.76 21.85
N ALA D 15 -9.82 -20.16 22.98
CA ALA D 15 -10.97 -20.73 23.74
C ALA D 15 -12.32 -20.51 23.09
N LYS D 16 -12.46 -19.40 22.34
CA LYS D 16 -13.77 -18.88 21.92
C LYS D 16 -13.60 -18.33 20.51
N ARG D 17 -14.72 -18.15 19.79
CA ARG D 17 -14.78 -17.18 18.66
C ARG D 17 -13.76 -17.54 17.50
N LEU D 18 -12.90 -16.65 16.98
CA LEU D 18 -12.11 -17.05 15.81
CA LEU D 18 -12.02 -16.99 15.84
C LEU D 18 -10.99 -18.04 16.18
N GLY D 19 -10.40 -17.88 17.36
CA GLY D 19 -9.32 -18.73 17.83
C GLY D 19 -9.83 -20.15 17.95
N ARG D 20 -11.03 -20.32 18.52
CA ARG D 20 -11.66 -21.65 18.60
C ARG D 20 -11.85 -22.27 17.24
N SER D 21 -12.39 -21.46 16.30
CA SER D 21 -12.64 -21.92 14.95
C SER D 21 -11.35 -22.33 14.25
N ILE D 22 -10.29 -21.55 14.50
CA ILE D 22 -8.97 -21.86 13.97
C ILE D 22 -8.48 -23.19 14.57
N ALA D 23 -8.50 -23.34 15.89
CA ALA D 23 -8.10 -24.62 16.46
C ALA D 23 -8.89 -25.84 15.92
N GLU D 24 -10.20 -25.68 15.76
CA GLU D 24 -11.09 -26.73 15.23
C GLU D 24 -10.74 -27.05 13.81
N GLY D 25 -10.40 -26.01 13.03
CA GLY D 25 -10.13 -26.24 11.58
C GLY D 25 -8.78 -26.93 11.43
N LEU D 26 -7.82 -26.56 12.29
CA LEU D 26 -6.52 -27.22 12.26
C LEU D 26 -6.64 -28.66 12.76
N HIS D 27 -7.38 -28.87 13.85
CA HIS D 27 -7.74 -30.23 14.30
C HIS D 27 -8.35 -31.09 13.19
N ALA D 28 -9.34 -30.57 12.48
CA ALA D 28 -9.97 -31.33 11.38
C ALA D 28 -8.99 -31.71 10.27
N GLU D 29 -7.87 -30.99 10.15
CA GLU D 29 -6.89 -31.33 9.12
C GLU D 29 -5.89 -32.33 9.67
N GLY D 30 -6.08 -32.73 10.93
CA GLY D 30 -5.22 -33.78 11.48
C GLY D 30 -4.23 -33.24 12.48
N TYR D 31 -4.26 -31.93 12.75
CA TYR D 31 -3.30 -31.37 13.71
C TYR D 31 -3.62 -31.76 15.17
N ALA D 32 -2.59 -31.95 15.98
CA ALA D 32 -2.75 -31.88 17.45
C ALA D 32 -2.66 -30.39 17.81
N VAL D 33 -3.47 -29.90 18.74
CA VAL D 33 -3.52 -28.45 18.95
C VAL D 33 -3.22 -28.09 20.37
N CYS D 34 -2.31 -27.15 20.55
CA CYS D 34 -2.15 -26.54 21.84
C CYS D 34 -3.03 -25.25 21.95
N LEU D 35 -3.97 -25.26 22.91
CA LEU D 35 -5.00 -24.24 23.03
C LEU D 35 -4.61 -23.27 24.12
N HIS D 36 -4.06 -22.11 23.75
CA HIS D 36 -3.71 -21.12 24.77
C HIS D 36 -4.94 -20.29 25.19
N TYR D 37 -4.99 -19.93 26.47
CA TYR D 37 -6.04 -19.09 26.99
C TYR D 37 -5.49 -18.20 28.10
N HIS D 38 -6.27 -17.23 28.44
CA HIS D 38 -5.98 -16.29 29.46
C HIS D 38 -7.03 -16.49 30.56
N ARG D 39 -8.17 -15.94 30.34
CA ARG D 39 -9.20 -16.05 31.38
C ARG D 39 -10.20 -17.15 31.05
N SER D 40 -10.31 -17.59 29.79
CA SER D 40 -11.40 -18.55 29.45
C SER D 40 -11.03 -20.05 29.66
N ALA D 41 -10.68 -20.40 30.91
CA ALA D 41 -10.22 -21.72 31.28
C ALA D 41 -11.26 -22.79 31.05
N ALA D 42 -12.50 -22.52 31.45
CA ALA D 42 -13.56 -23.48 31.23
C ALA D 42 -13.87 -23.72 29.73
N GLU D 43 -13.82 -22.67 28.93
CA GLU D 43 -14.11 -22.84 27.49
C GLU D 43 -12.97 -23.60 26.80
N ALA D 44 -11.72 -23.24 27.13
CA ALA D 44 -10.50 -23.93 26.64
C ALA D 44 -10.57 -25.46 26.92
N ASN D 45 -10.84 -25.78 28.18
CA ASN D 45 -10.94 -27.17 28.66
C ASN D 45 -12.08 -27.95 28.05
N ALA D 46 -13.23 -27.32 27.84
CA ALA D 46 -14.36 -27.95 27.16
C ALA D 46 -14.01 -28.19 25.71
N LEU D 47 -13.36 -27.20 25.10
CA LEU D 47 -12.83 -27.40 23.75
C LEU D 47 -11.90 -28.62 23.68
N SER D 48 -10.91 -28.65 24.58
CA SER D 48 -9.92 -29.69 24.62
C SER D 48 -10.57 -31.08 24.82
N ALA D 49 -11.61 -31.13 25.65
CA ALA D 49 -12.38 -32.37 25.90
C ALA D 49 -13.03 -32.88 24.68
N THR D 50 -13.75 -32.02 23.94
CA THR D 50 -14.32 -32.39 22.65
C THR D 50 -13.30 -32.97 21.67
N LEU D 51 -12.17 -32.28 21.54
CA LEU D 51 -11.20 -32.67 20.55
C LEU D 51 -10.46 -34.01 20.91
N ASN D 52 -10.16 -34.23 22.20
CA ASN D 52 -9.52 -35.44 22.74
C ASN D 52 -10.47 -36.65 22.74
N ALA D 53 -11.76 -36.40 22.89
CA ALA D 53 -12.80 -37.41 22.65
C ALA D 53 -12.86 -37.74 21.12
N ARG D 54 -12.64 -36.76 20.25
CA ARG D 54 -12.53 -37.08 18.81
C ARG D 54 -11.25 -37.89 18.46
N ARG D 55 -10.09 -37.49 18.97
CA ARG D 55 -8.84 -38.22 18.76
C ARG D 55 -8.10 -38.08 20.04
N PRO D 56 -7.82 -39.19 20.74
CA PRO D 56 -7.08 -39.09 21.99
C PRO D 56 -5.78 -38.40 21.78
N ASN D 57 -5.26 -37.74 22.80
CA ASN D 57 -3.95 -37.11 22.75
C ASN D 57 -3.81 -36.09 21.57
N SER D 58 -4.83 -35.25 21.35
CA SER D 58 -4.79 -34.31 20.20
C SER D 58 -5.06 -32.87 20.62
N ALA D 59 -5.24 -32.62 21.93
CA ALA D 59 -5.43 -31.24 22.47
C ALA D 59 -4.89 -31.07 23.89
N ILE D 60 -4.19 -29.97 24.14
CA ILE D 60 -3.87 -29.58 25.53
C ILE D 60 -4.28 -28.09 25.66
N THR D 61 -4.33 -27.60 26.88
CA THR D 61 -4.60 -26.15 27.10
C THR D 61 -3.50 -25.63 27.98
N VAL D 62 -3.06 -24.37 27.73
CA VAL D 62 -2.02 -23.72 28.56
CA VAL D 62 -2.03 -23.72 28.54
C VAL D 62 -2.50 -22.29 28.82
N GLN D 63 -2.28 -21.80 30.04
CA GLN D 63 -2.77 -20.48 30.43
C GLN D 63 -1.61 -19.51 30.35
N ALA D 64 -1.83 -18.29 29.86
CA ALA D 64 -0.84 -17.22 30.05
C ALA D 64 -1.45 -15.87 29.70
N ASP D 65 -1.01 -14.90 30.46
CA ASP D 65 -1.32 -13.50 30.23
C ASP D 65 -0.23 -13.02 29.27
N LEU D 66 -0.65 -12.54 28.11
CA LEU D 66 0.28 -12.10 27.08
C LEU D 66 0.45 -10.57 27.12
N SER D 67 -0.04 -9.94 28.20
CA SER D 67 0.22 -8.53 28.41
CA SER D 67 0.21 -8.54 28.44
C SER D 67 1.71 -8.44 28.62
N ASN D 68 2.26 -7.27 28.30
CA ASN D 68 3.69 -7.06 28.46
C ASN D 68 4.04 -6.63 29.91
N VAL D 69 3.86 -7.52 30.88
CA VAL D 69 4.09 -7.26 32.30
C VAL D 69 4.74 -8.50 32.89
N ALA D 70 5.50 -8.31 33.97
CA ALA D 70 5.95 -9.40 34.84
C ALA D 70 4.78 -9.98 35.64
N THR D 71 4.70 -11.31 35.74
CA THR D 71 3.68 -12.00 36.60
C THR D 71 4.38 -12.63 37.85
N ALA D 72 3.61 -13.19 38.77
CA ALA D 72 4.18 -13.85 39.96
C ALA D 72 4.67 -15.27 39.70
N PRO D 73 5.55 -15.79 40.52
CA PRO D 73 5.96 -17.16 40.31
C PRO D 73 4.93 -18.05 40.97
N ALA D 81 11.65 -14.60 41.75
CA ALA D 81 11.84 -13.72 40.60
C ALA D 81 10.51 -13.55 39.86
N PRO D 82 10.18 -12.30 39.42
CA PRO D 82 8.91 -12.13 38.68
C PRO D 82 9.01 -12.87 37.31
N VAL D 83 7.90 -13.38 36.77
CA VAL D 83 8.01 -14.04 35.46
C VAL D 83 7.75 -13.02 34.34
N THR D 84 8.74 -12.83 33.48
CA THR D 84 8.57 -11.91 32.31
C THR D 84 7.67 -12.52 31.17
N LEU D 85 7.11 -11.64 30.34
CA LEU D 85 6.38 -12.06 29.08
C LEU D 85 7.22 -12.95 28.18
N PHE D 86 8.47 -12.56 27.93
CA PHE D 86 9.32 -13.45 27.16
C PHE D 86 9.27 -14.93 27.64
N THR D 87 9.55 -15.12 28.94
CA THR D 87 9.58 -16.46 29.55
C THR D 87 8.27 -17.19 29.34
N ARG D 88 7.19 -16.48 29.63
CA ARG D 88 5.90 -17.11 29.48
C ARG D 88 5.63 -17.51 27.99
N CYS D 89 6.19 -16.75 27.04
CA CYS D 89 6.01 -17.06 25.62
C CYS D 89 6.84 -18.29 25.25
N ALA D 90 8.10 -18.31 25.71
CA ALA D 90 8.97 -19.47 25.44
C ALA D 90 8.40 -20.79 26.04
N GLU D 91 7.74 -20.68 27.18
CA GLU D 91 7.10 -21.82 27.85
C GLU D 91 5.84 -22.31 27.12
N LEU D 92 5.13 -21.41 26.46
CA LEU D 92 4.01 -21.77 25.57
C LEU D 92 4.43 -22.72 24.45
N VAL D 93 5.55 -22.38 23.81
CA VAL D 93 6.09 -23.16 22.73
C VAL D 93 6.67 -24.43 23.35
N ALA D 94 7.33 -24.29 24.50
CA ALA D 94 7.95 -25.47 25.16
C ALA D 94 6.91 -26.53 25.49
N ALA D 95 5.70 -26.11 25.89
CA ALA D 95 4.57 -27.05 26.11
C ALA D 95 4.27 -27.89 24.90
N CYS D 96 4.38 -27.36 23.68
CA CYS D 96 4.20 -28.22 22.55
C CYS D 96 5.29 -29.26 22.51
N TYR D 97 6.54 -28.82 22.68
CA TYR D 97 7.66 -29.75 22.50
C TYR D 97 7.67 -30.81 23.61
N THR D 98 7.39 -30.40 24.84
CA THR D 98 7.22 -31.30 25.97
C THR D 98 6.16 -32.40 25.69
N HIS D 99 4.95 -32.00 25.24
CA HIS D 99 3.87 -32.97 25.04
C HIS D 99 4.00 -33.79 23.75
N TRP D 100 4.49 -33.21 22.65
CA TRP D 100 4.41 -33.89 21.36
C TRP D 100 5.70 -33.83 20.66
N GLY D 101 6.70 -33.19 21.31
CA GLY D 101 8.06 -33.11 20.67
C GLY D 101 8.17 -32.28 19.37
N ARG D 102 7.19 -31.43 19.05
CA ARG D 102 7.32 -30.58 17.82
C ARG D 102 6.30 -29.44 17.91
N CYS D 103 6.50 -28.41 17.08
CA CYS D 103 5.52 -27.32 16.98
C CYS D 103 5.61 -26.84 15.51
N ASP D 104 4.59 -27.19 14.72
CA ASP D 104 4.65 -26.93 13.29
C ASP D 104 4.03 -25.58 12.88
N VAL D 105 2.99 -25.15 13.59
CA VAL D 105 2.21 -23.99 13.21
C VAL D 105 2.04 -23.20 14.50
N LEU D 106 2.14 -21.87 14.34
CA LEU D 106 1.80 -20.91 15.36
C LEU D 106 0.79 -19.96 14.78
N VAL D 107 -0.33 -19.74 15.51
CA VAL D 107 -1.31 -18.72 15.13
C VAL D 107 -1.41 -17.70 16.26
N ASN D 108 -0.92 -16.49 16.01
CA ASN D 108 -1.01 -15.34 16.94
C ASN D 108 -2.35 -14.70 16.75
N ASN D 109 -3.32 -15.21 17.50
CA ASN D 109 -4.72 -14.83 17.44
C ASN D 109 -5.16 -14.00 18.63
N ALA D 110 -4.59 -14.23 19.82
CA ALA D 110 -5.06 -13.58 21.02
C ALA D 110 -4.83 -12.08 20.89
N SER D 111 -5.82 -11.34 21.39
CA SER D 111 -5.79 -9.92 21.12
C SER D 111 -6.61 -9.16 22.09
N SER D 112 -6.07 -8.15 22.74
CA SER D 112 -7.05 -7.25 23.44
C SER D 112 -7.43 -6.10 22.57
N PHE D 113 -8.62 -5.57 22.85
CA PHE D 113 -9.17 -4.57 21.96
C PHE D 113 -10.10 -3.73 22.80
N TYR D 114 -9.69 -2.49 23.06
CA TYR D 114 -10.59 -1.53 23.71
C TYR D 114 -10.10 -0.09 23.46
N PRO D 115 -10.98 0.93 23.70
CA PRO D 115 -10.59 2.33 23.36
C PRO D 115 -9.40 2.83 24.15
N THR D 116 -8.53 3.60 23.47
CA THR D 116 -7.48 4.41 24.18
C THR D 116 -7.51 5.81 23.56
N PRO D 117 -8.52 6.63 23.95
CA PRO D 117 -8.85 7.91 23.31
C PRO D 117 -7.72 8.90 23.48
N LEU D 118 -7.44 9.67 22.41
CA LEU D 118 -6.43 10.75 22.47
C LEU D 118 -7.02 12.00 23.14
N LEU D 119 -8.33 12.12 23.09
CA LEU D 119 -8.99 13.30 23.61
C LEU D 119 -10.00 12.93 24.70
N ARG D 120 -9.85 13.55 25.89
CA ARG D 120 -10.82 13.48 27.01
C ARG D 120 -12.21 14.00 26.64
N ALA D 135 -3.27 2.80 34.37
CA ALA D 135 -4.28 3.55 33.62
C ALA D 135 -4.04 3.43 32.07
N MET D 136 -3.50 4.50 31.48
CA MET D 136 -2.69 4.46 30.28
C MET D 136 -1.58 3.35 30.34
N GLU D 137 -0.93 3.17 31.49
CA GLU D 137 0.20 2.22 31.58
C GLU D 137 -0.26 0.74 31.37
N THR D 138 -1.41 0.38 31.96
CA THR D 138 -2.07 -0.92 31.71
C THR D 138 -2.54 -1.10 30.27
N ALA D 139 -3.23 -0.12 29.71
CA ALA D 139 -3.64 -0.25 28.31
C ALA D 139 -2.42 -0.54 27.40
N THR D 140 -1.34 0.18 27.65
CA THR D 140 -0.17 0.11 26.78
C THR D 140 0.42 -1.28 26.86
N ALA D 141 0.55 -1.81 28.10
CA ALA D 141 1.15 -3.13 28.31
C ALA D 141 0.29 -4.23 27.73
N ASP D 142 -1.02 -4.10 27.91
CA ASP D 142 -1.97 -5.10 27.50
C ASP D 142 -2.17 -5.09 25.99
N LEU D 143 -2.45 -3.93 25.41
CA LEU D 143 -2.76 -3.84 23.97
C LEU D 143 -1.54 -4.14 23.13
N PHE D 144 -0.37 -3.54 23.48
CA PHE D 144 0.89 -3.89 22.81
C PHE D 144 1.43 -5.30 23.01
N GLY D 145 1.41 -5.80 24.26
CA GLY D 145 1.77 -7.18 24.54
C GLY D 145 1.03 -8.19 23.74
N SER D 146 -0.27 -8.25 23.89
CA SER D 146 -1.02 -9.30 23.27
C SER D 146 -0.98 -9.20 21.72
N ASN D 147 -1.08 -7.97 21.22
CA ASN D 147 -1.18 -7.77 19.78
C ASN D 147 0.15 -7.79 19.04
N ALA D 148 1.27 -7.55 19.75
CA ALA D 148 2.54 -7.26 19.07
C ALA D 148 3.77 -7.88 19.73
N ILE D 149 3.98 -7.56 21.01
CA ILE D 149 5.19 -8.00 21.72
CA ILE D 149 5.20 -8.01 21.69
C ILE D 149 5.16 -9.51 21.96
N ALA D 150 4.01 -10.04 22.41
CA ALA D 150 3.90 -11.53 22.64
C ALA D 150 4.11 -12.30 21.32
N PRO D 151 3.42 -11.93 20.20
CA PRO D 151 3.71 -12.55 18.88
C PRO D 151 5.21 -12.54 18.54
N TYR D 152 5.92 -11.45 18.83
CA TYR D 152 7.32 -11.44 18.50
C TYR D 152 8.10 -12.47 19.34
N PHE D 153 7.85 -12.50 20.67
CA PHE D 153 8.51 -13.48 21.53
C PHE D 153 8.12 -14.90 21.12
N LEU D 154 6.87 -15.12 20.77
CA LEU D 154 6.44 -16.44 20.35
C LEU D 154 7.13 -16.86 19.06
N ILE D 155 7.19 -15.97 18.06
CA ILE D 155 7.87 -16.26 16.81
C ILE D 155 9.35 -16.56 17.07
N LYS D 156 9.98 -15.76 17.95
CA LYS D 156 11.38 -15.98 18.30
C LYS D 156 11.58 -17.37 18.98
N ALA D 157 10.69 -17.74 19.89
CA ALA D 157 10.82 -19.06 20.58
C ALA D 157 10.56 -20.23 19.57
N PHE D 158 9.52 -20.08 18.74
CA PHE D 158 9.18 -21.05 17.64
C PHE D 158 10.38 -21.31 16.75
N ALA D 159 11.05 -20.24 16.34
CA ALA D 159 12.17 -20.31 15.39
C ALA D 159 13.41 -20.90 16.05
N HIS D 160 13.70 -20.52 17.31
CA HIS D 160 14.86 -21.08 18.06
CA HIS D 160 14.83 -21.08 18.04
C HIS D 160 14.68 -22.60 18.15
N ARG D 161 13.47 -23.05 18.49
CA ARG D 161 13.17 -24.47 18.53
C ARG D 161 13.45 -25.13 17.18
N VAL D 162 12.97 -24.56 16.07
CA VAL D 162 13.23 -25.15 14.77
C VAL D 162 14.77 -25.13 14.47
N ALA D 163 15.44 -24.02 14.68
CA ALA D 163 16.88 -23.92 14.34
C ALA D 163 17.63 -24.98 15.15
N GLY D 164 17.17 -25.26 16.38
CA GLY D 164 17.80 -26.23 17.27
C GLY D 164 17.46 -27.69 16.99
N THR D 165 16.47 -27.95 16.14
CA THR D 165 16.15 -29.29 15.66
C THR D 165 17.16 -29.65 14.55
N PRO D 166 17.79 -30.85 14.64
CA PRO D 166 18.69 -31.31 13.53
C PRO D 166 17.96 -31.36 12.20
N ALA D 167 18.60 -30.84 11.15
CA ALA D 167 17.93 -30.69 9.86
C ALA D 167 17.09 -31.92 9.48
N LYS D 168 17.67 -33.11 9.57
CA LYS D 168 16.97 -34.35 9.22
C LYS D 168 15.68 -34.64 9.99
N HIS D 169 15.49 -34.01 11.15
CA HIS D 169 14.31 -34.28 12.00
C HIS D 169 13.27 -33.13 12.01
N ARG D 170 13.48 -32.11 11.18
CA ARG D 170 12.54 -30.99 11.12
C ARG D 170 11.27 -31.40 10.38
N GLY D 171 10.13 -30.82 10.74
CA GLY D 171 8.96 -31.01 9.90
C GLY D 171 9.18 -30.39 8.52
N THR D 172 8.23 -30.59 7.63
CA THR D 172 8.38 -30.16 6.27
C THR D 172 7.35 -29.07 5.98
N ASN D 173 6.62 -28.56 6.99
CA ASN D 173 5.62 -27.52 6.69
C ASN D 173 5.42 -26.53 7.86
N TYR D 174 6.43 -25.70 8.12
CA TYR D 174 6.36 -24.74 9.24
C TYR D 174 5.63 -23.47 8.76
N SER D 175 4.72 -22.99 9.59
CA SER D 175 3.82 -21.90 9.12
C SER D 175 3.40 -21.09 10.37
N ILE D 176 3.61 -19.77 10.31
CA ILE D 176 3.15 -18.86 11.36
C ILE D 176 2.11 -17.90 10.74
N ILE D 177 0.93 -17.79 11.36
CA ILE D 177 -0.13 -16.87 10.91
C ILE D 177 -0.27 -15.83 11.99
N ASN D 178 -0.19 -14.56 11.62
CA ASN D 178 -0.53 -13.43 12.54
C ASN D 178 -1.92 -12.97 12.24
N MET D 179 -2.80 -12.94 13.20
CA MET D 179 -4.12 -12.31 12.94
C MET D 179 -4.05 -10.76 13.08
N VAL D 180 -4.23 -10.08 11.93
CA VAL D 180 -4.09 -8.63 11.88
C VAL D 180 -5.53 -8.09 11.66
N ASP D 181 -5.66 -6.89 11.15
CA ASP D 181 -7.01 -6.28 11.01
C ASP D 181 -7.11 -5.71 9.62
N ALA D 182 -8.14 -6.09 8.88
CA ALA D 182 -8.28 -5.55 7.51
C ALA D 182 -8.53 -3.99 7.45
N MET D 183 -8.99 -3.36 8.55
CA MET D 183 -9.52 -1.98 8.55
C MET D 183 -8.62 -0.95 9.24
N THR D 184 -7.48 -1.38 9.78
CA THR D 184 -6.58 -0.49 10.55
C THR D 184 -5.99 0.66 9.70
N ASN D 185 -5.83 0.48 8.38
CA ASN D 185 -5.62 1.68 7.52
C ASN D 185 -6.75 2.72 7.48
N GLN D 186 -7.92 2.36 8.02
CA GLN D 186 -9.06 3.28 8.11
C GLN D 186 -9.40 3.23 9.58
N PRO D 187 -8.58 3.88 10.43
CA PRO D 187 -8.60 3.53 11.86
C PRO D 187 -9.95 3.71 12.51
N LEU D 188 -10.29 2.83 13.42
CA LEU D 188 -11.45 3.03 14.29
C LEU D 188 -11.23 4.18 15.27
N LEU D 189 -12.11 5.18 15.28
CA LEU D 189 -11.82 6.38 16.05
C LEU D 189 -11.68 6.01 17.54
N GLY D 190 -10.59 6.45 18.19
CA GLY D 190 -10.44 6.21 19.64
C GLY D 190 -9.68 4.93 20.03
N TYR D 191 -9.23 4.15 19.05
CA TYR D 191 -8.51 2.90 19.27
C TYR D 191 -7.05 2.97 18.85
N THR D 192 -6.42 4.12 19.06
CA THR D 192 -5.01 4.34 18.69
C THR D 192 -4.00 3.23 19.05
N ILE D 193 -3.91 2.86 20.32
CA ILE D 193 -2.92 1.87 20.73
C ILE D 193 -3.14 0.52 20.09
N TYR D 194 -4.39 0.07 20.07
CA TYR D 194 -4.75 -1.17 19.35
C TYR D 194 -4.27 -1.08 17.87
N THR D 195 -4.58 0.05 17.22
CA THR D 195 -4.30 0.24 15.75
C THR D 195 -2.79 0.27 15.61
N MET D 196 -2.09 0.91 16.54
CA MET D 196 -0.61 0.89 16.46
C MET D 196 -0.03 -0.55 16.59
N ALA D 197 -0.64 -1.34 17.49
CA ALA D 197 -0.15 -2.72 17.79
C ALA D 197 -0.39 -3.67 16.61
N LYS D 198 -1.51 -3.51 15.90
CA LYS D 198 -1.77 -4.26 14.65
C LYS D 198 -0.80 -3.81 13.58
N GLY D 199 -0.44 -2.51 13.56
CA GLY D 199 0.59 -2.04 12.58
C GLY D 199 1.97 -2.66 12.87
N ALA D 200 2.30 -2.78 14.15
CA ALA D 200 3.55 -3.48 14.54
C ALA D 200 3.51 -4.96 14.12
N LEU D 201 2.37 -5.59 14.37
CA LEU D 201 2.18 -7.02 14.00
C LEU D 201 2.35 -7.22 12.47
N GLU D 202 1.85 -6.25 11.70
CA GLU D 202 2.16 -6.27 10.23
C GLU D 202 3.66 -6.23 9.91
N GLY D 203 4.42 -5.46 10.70
CA GLY D 203 5.88 -5.32 10.44
C GLY D 203 6.53 -6.61 10.88
N LEU D 204 5.96 -7.21 11.94
CA LEU D 204 6.46 -8.53 12.37
C LEU D 204 6.29 -9.58 11.24
N THR D 205 5.11 -9.66 10.66
CA THR D 205 4.89 -10.57 9.52
C THR D 205 5.97 -10.45 8.47
N ARG D 206 6.23 -9.23 7.99
CA ARG D 206 7.23 -9.02 6.94
C ARG D 206 8.70 -9.27 7.29
N SER D 207 9.12 -8.89 8.50
CA SER D 207 10.50 -9.04 8.92
C SER D 207 10.74 -10.52 9.29
N ALA D 208 9.76 -11.11 9.98
CA ALA D 208 9.89 -12.52 10.33
C ALA D 208 9.86 -13.40 9.06
N ALA D 209 8.98 -13.11 8.10
CA ALA D 209 9.01 -13.86 6.82
C ALA D 209 10.38 -13.82 6.07
N LEU D 210 11.01 -12.65 6.01
CA LEU D 210 12.32 -12.48 5.37
C LEU D 210 13.40 -13.24 6.15
N GLU D 211 13.49 -13.07 7.49
CA GLU D 211 14.57 -13.67 8.30
C GLU D 211 14.46 -15.18 8.48
N LEU D 212 13.24 -15.68 8.54
CA LEU D 212 13.02 -17.08 8.78
C LEU D 212 12.78 -17.88 7.49
N ALA D 213 12.69 -17.24 6.30
CA ALA D 213 12.68 -17.98 5.03
C ALA D 213 13.83 -19.07 4.93
N PRO D 214 15.11 -18.80 5.37
CA PRO D 214 16.15 -19.86 5.25
C PRO D 214 15.76 -21.15 5.97
N LEU D 215 14.99 -21.06 7.04
CA LEU D 215 14.49 -22.25 7.74
C LEU D 215 13.18 -22.75 7.19
N GLN D 216 12.72 -22.19 6.05
CA GLN D 216 11.45 -22.60 5.45
C GLN D 216 10.24 -22.43 6.39
N ILE D 217 10.31 -21.44 7.25
CA ILE D 217 9.19 -21.11 8.09
C ILE D 217 8.46 -19.99 7.36
N ARG D 218 7.21 -20.24 6.99
CA ARG D 218 6.48 -19.24 6.31
C ARG D 218 5.78 -18.38 7.38
N VAL D 219 5.67 -17.09 7.07
CA VAL D 219 4.98 -16.15 7.98
C VAL D 219 4.06 -15.28 7.21
N ASN D 220 2.78 -15.36 7.54
CA ASN D 220 1.76 -14.59 6.86
C ASN D 220 0.73 -13.98 7.82
N GLY D 221 -0.04 -13.01 7.30
CA GLY D 221 -1.14 -12.32 8.01
C GLY D 221 -2.54 -12.74 7.52
N VAL D 222 -3.53 -12.78 8.38
CA VAL D 222 -4.93 -12.80 7.96
C VAL D 222 -5.65 -11.65 8.69
N GLY D 223 -6.32 -10.79 7.92
CA GLY D 223 -7.02 -9.59 8.47
C GLY D 223 -8.52 -9.71 8.34
N PRO D 224 -9.20 -10.11 9.44
CA PRO D 224 -10.68 -9.99 9.46
C PRO D 224 -11.12 -8.51 9.35
N GLY D 225 -12.30 -8.27 8.77
CA GLY D 225 -12.95 -6.89 8.83
C GLY D 225 -13.89 -6.84 10.05
N LEU D 226 -15.11 -7.34 9.90
CA LEU D 226 -16.06 -7.46 10.98
C LEU D 226 -16.37 -8.97 11.02
N SER D 227 -16.09 -9.60 12.16
CA SER D 227 -16.30 -11.02 12.31
CA SER D 227 -16.28 -11.03 12.32
C SER D 227 -16.96 -11.36 13.62
N VAL D 228 -18.06 -12.12 13.55
CA VAL D 228 -18.84 -12.57 14.76
C VAL D 228 -19.09 -11.43 15.75
N LEU D 229 -19.65 -10.32 15.25
CA LEU D 229 -20.00 -9.20 16.13
C LEU D 229 -20.97 -9.62 17.24
N VAL D 230 -20.78 -9.02 18.42
CA VAL D 230 -21.37 -9.47 19.71
C VAL D 230 -22.90 -9.75 19.74
N GLY D 240 -24.21 -0.67 14.33
CA GLY D 240 -24.55 -1.40 13.11
C GLY D 240 -23.65 -1.12 11.91
N HIS D 241 -22.35 -1.37 12.04
CA HIS D 241 -21.40 -1.21 10.93
C HIS D 241 -21.62 -2.27 9.86
N ARG D 242 -22.23 -3.37 10.26
CA ARG D 242 -22.39 -4.57 9.47
C ARG D 242 -23.17 -4.36 8.14
N SER D 243 -24.14 -3.45 8.16
CA SER D 243 -24.93 -3.14 6.94
C SER D 243 -24.04 -2.41 5.90
N LYS D 244 -22.89 -1.88 6.32
CA LYS D 244 -21.93 -1.18 5.42
C LYS D 244 -20.97 -2.12 4.67
N VAL D 245 -20.98 -3.40 5.07
CA VAL D 245 -20.13 -4.42 4.39
C VAL D 245 -20.67 -4.71 2.96
N PRO D 246 -19.87 -4.44 1.90
CA PRO D 246 -20.47 -4.49 0.56
C PRO D 246 -20.93 -5.90 0.25
N LEU D 247 -20.15 -6.88 0.70
CA LEU D 247 -20.47 -8.26 0.41
C LEU D 247 -21.42 -8.81 1.48
N TYR D 248 -22.66 -9.08 1.11
CA TYR D 248 -23.68 -9.69 2.05
C TYR D 248 -24.20 -8.77 3.11
N GLN D 249 -23.58 -7.60 3.32
CA GLN D 249 -24.09 -6.66 4.36
C GLN D 249 -24.20 -7.33 5.76
N ARG D 250 -23.21 -8.16 6.09
CA ARG D 250 -23.12 -8.77 7.39
C ARG D 250 -21.65 -8.93 7.78
N ASP D 251 -21.37 -9.04 9.08
CA ASP D 251 -20.07 -9.50 9.58
C ASP D 251 -19.88 -10.98 9.11
N SER D 252 -18.65 -11.52 9.21
CA SER D 252 -18.38 -12.86 8.71
C SER D 252 -18.69 -13.86 9.81
N SER D 253 -18.84 -15.12 9.45
CA SER D 253 -18.77 -16.16 10.46
C SER D 253 -17.28 -16.41 10.79
N ALA D 254 -17.10 -17.18 11.85
CA ALA D 254 -15.79 -17.57 12.32
C ALA D 254 -15.10 -18.45 11.28
N ALA D 255 -15.86 -19.40 10.69
CA ALA D 255 -15.35 -20.30 9.64
C ALA D 255 -14.85 -19.52 8.45
N GLU D 256 -15.55 -18.46 8.07
CA GLU D 256 -15.21 -17.70 6.87
C GLU D 256 -13.82 -17.08 7.01
N VAL D 257 -13.33 -16.90 8.24
CA VAL D 257 -11.96 -16.44 8.49
C VAL D 257 -11.01 -17.62 8.74
N SER D 258 -11.39 -18.55 9.62
CA SER D 258 -10.49 -19.64 9.98
C SER D 258 -10.14 -20.51 8.76
N ASP D 259 -11.10 -20.78 7.86
CA ASP D 259 -10.75 -21.55 6.65
C ASP D 259 -9.55 -20.97 5.87
N VAL D 260 -9.42 -19.64 5.91
CA VAL D 260 -8.33 -18.97 5.21
C VAL D 260 -7.02 -19.31 5.92
N VAL D 261 -7.05 -19.27 7.25
CA VAL D 261 -5.89 -19.55 8.07
C VAL D 261 -5.42 -20.99 7.77
N ILE D 262 -6.37 -21.90 7.76
CA ILE D 262 -6.08 -23.32 7.49
C ILE D 262 -5.42 -23.51 6.09
N PHE D 263 -5.96 -22.84 5.07
CA PHE D 263 -5.37 -22.89 3.70
C PHE D 263 -3.94 -22.40 3.72
N LEU D 264 -3.67 -21.28 4.40
CA LEU D 264 -2.30 -20.72 4.39
C LEU D 264 -1.36 -21.63 5.17
N CYS D 265 -1.91 -22.42 6.08
CA CYS D 265 -1.04 -23.44 6.73
C CYS D 265 -0.82 -24.72 5.90
N SER D 266 -1.58 -24.90 4.83
CA SER D 266 -1.57 -26.16 4.07
C SER D 266 -0.35 -26.17 3.16
N SER D 267 0.01 -27.36 2.70
CA SER D 267 1.16 -27.55 1.82
C SER D 267 0.87 -26.97 0.46
N LYS D 268 -0.41 -26.75 0.16
CA LYS D 268 -0.75 -26.04 -1.09
C LYS D 268 -0.31 -24.57 -1.07
N ALA D 269 -0.01 -24.03 0.12
CA ALA D 269 0.34 -22.58 0.23
C ALA D 269 1.82 -22.38 0.45
N LYS D 270 2.60 -23.43 0.16
CA LYS D 270 4.02 -23.47 0.49
CA LYS D 270 4.04 -23.49 0.46
C LYS D 270 4.88 -22.37 -0.16
N TYR D 271 4.38 -21.73 -1.24
CA TYR D 271 5.16 -20.63 -1.85
C TYR D 271 4.76 -19.22 -1.29
N ILE D 272 3.72 -19.17 -0.43
CA ILE D 272 3.19 -17.90 0.09
C ILE D 272 3.90 -17.54 1.43
N THR D 273 4.66 -16.44 1.45
CA THR D 273 5.19 -15.90 2.71
C THR D 273 5.30 -14.38 2.67
N GLY D 274 5.16 -13.76 3.84
CA GLY D 274 5.25 -12.32 3.94
C GLY D 274 4.03 -11.62 3.37
N THR D 275 2.96 -12.38 3.17
CA THR D 275 1.72 -11.84 2.61
C THR D 275 0.73 -11.49 3.72
N VAL D 277 -3.65 -11.58 3.92
CA VAL D 277 -4.93 -11.81 3.20
C VAL D 277 -6.08 -11.13 4.02
N LYS D 278 -6.71 -10.12 3.40
CA LYS D 278 -7.95 -9.49 3.99
C LYS D 278 -9.07 -10.47 3.86
N VAL D 279 -9.85 -10.62 4.93
CA VAL D 279 -11.11 -11.36 4.85
C VAL D 279 -12.17 -10.41 5.37
N ASP D 280 -12.68 -9.53 4.50
CA ASP D 280 -13.44 -8.38 5.00
C ASP D 280 -14.70 -8.07 4.23
N GLY D 281 -15.05 -8.93 3.29
CA GLY D 281 -16.27 -8.65 2.48
C GLY D 281 -16.27 -7.37 1.66
N GLY D 282 -15.05 -6.88 1.33
CA GLY D 282 -14.92 -5.58 0.67
C GLY D 282 -15.01 -4.36 1.57
N TYR D 283 -15.11 -4.54 2.88
CA TYR D 283 -15.29 -3.38 3.75
C TYR D 283 -14.17 -2.33 3.61
N SER D 284 -12.93 -2.76 3.43
CA SER D 284 -11.81 -1.80 3.29
C SER D 284 -11.88 -0.99 1.98
N LEU D 285 -12.78 -1.39 1.09
CA LEU D 285 -13.05 -0.66 -0.15
C LEU D 285 -13.95 0.57 0.03
N THR D 286 -14.58 0.74 1.20
CA THR D 286 -15.59 1.77 1.31
C THR D 286 -14.92 3.08 1.73
N ARG D 287 -15.61 4.19 1.51
CA ARG D 287 -15.15 5.51 1.95
C ARG D 287 -16.38 6.12 2.62
N ALA D 288 -16.18 7.04 3.58
CA ALA D 288 -17.33 7.74 4.18
C ALA D 288 -18.17 8.47 3.10
#